data_5Y2L
#
_entry.id   5Y2L
#
_cell.length_a   157.482
_cell.length_b   157.482
_cell.length_c   355.344
_cell.angle_alpha   90.00
_cell.angle_beta   90.00
_cell.angle_gamma   120.00
#
_symmetry.space_group_name_H-M   'H 3 2'
#
loop_
_entity.id
_entity.type
_entity.pdbx_description
1 polymer Hemagglutinin
2 polymer Hemagglutinin
3 polymer 'a group 2 HA binding antibody AF4H1K1 Fab heavy chain'
4 polymer 'a group 2 HA binding antibody AF4H1K1 Fab light chain'
5 branched 2-acetamido-2-deoxy-beta-D-glucopyranose-(1-4)-2-acetamido-2-deoxy-beta-D-glucopyranose
6 non-polymer 2-acetamido-2-deoxy-beta-D-glucopyranose
#
loop_
_entity_poly.entity_id
_entity_poly.type
_entity_poly.pdbx_seq_one_letter_code
_entity_poly.pdbx_strand_id
1 'polypeptide(L)'
;QDLPGNDNSTATLCLGHHAVPNGTLVKTITDDQIEVTNATELVQSSSTGKICNNPHRILDGIDCTLIDALLGDPHCDVFQ
NETWDLFVERSKAFSNCYPYDVPDYASLRSLVASSGTLEFITEGFTWTGVTQNGGSNACKRGPGSGFFSRLNWLTKSGST
YPVLNVTMPNNDNFDKLYIWGIHHPSTNQEQTSLYVQASGRVTVSTRRSQQTIIPNIGSRPWVRGLSSRISIYWTIVKPG
DVLVINSNGNLIAPRGYFKMRTGKSSIMRSDAPIDTCISECITPNGSIPNDKPFQNVNKITYGACPKYVKQNTLKLATGM
RNVPEKQTR
;
A
2 'polypeptide(L)'
;GLFGAIAGFIENGWEGMIDGWYGFRHQNSEGTGQAADLKSTQAAIDQINGKLNRVIEKTNEKFHQIEKEFSEVEGRIQDL
EKYVEDTKIDLWSYNAELLVALENQHTIDLTDSEMNKLFEKTRRQLRENAEEMGNGCFKIYHKCDNACIESIRNGTYDHD
VYRDEALNNRFQIKGV
;
B
3 'polypeptide(L)'
;QVQLVESGGGVVQPGTSLRLSCEASGFTSSAYAMHWVRQAPGKGLEWVAVITFDGGYQYYADSVKGRFTISRDISRNTLH
LHMNSLRAEDTAVYYCARDPLTKLLPFDWVSGGYFDYWGQGTLVTVSSASTKGPSVFPLAPSSKSTSGGTAALGCLVKDY
FPEPVTVSWNSGALTSGVHTFPAVLQSSGLYSLSSVVTVPSSSLGTQTYICNVNHKPSNTKVDKRVEPKSCDK
;
I
4 'polypeptide(L)'
;DIVMTQSPGTLSLSPGERATLSCRASQSVSSSYLAWYQQKPGQAPRLLIYRASSRATGIPDRFSGSGSGTDFTLTISRLE
PEDFAVYYCQQYGSSFTFGQGTKVEIKRTVAAPSVFIFPPSDEQLKSGTASVVCLLNNFYPREAKVQWKVDNALQSGNSQ
ESVTEQDSKDSTYSLSSTLTLSKADYEKHKVYACEVTHQGLSSPVTKSFNRGECHHHHHH
;
J
#
loop_
_chem_comp.id
_chem_comp.type
_chem_comp.name
_chem_comp.formula
NAG D-saccharide, beta linking 2-acetamido-2-deoxy-beta-D-glucopyranose 'C8 H15 N O6'
#
# COMPACT_ATOMS: atom_id res chain seq x y z
N SER A 9 -9.26 60.76 -8.60
CA SER A 9 -8.03 61.02 -7.86
C SER A 9 -6.88 60.16 -8.39
N THR A 10 -6.35 59.31 -7.51
CA THR A 10 -5.25 58.37 -7.80
C THR A 10 -5.53 57.02 -7.15
N ALA A 11 -4.61 56.07 -7.31
CA ALA A 11 -4.76 54.73 -6.71
C ALA A 11 -3.51 54.26 -5.94
N THR A 12 -3.72 53.42 -4.93
CA THR A 12 -2.63 52.85 -4.14
C THR A 12 -2.66 51.32 -4.16
N LEU A 13 -1.52 50.71 -4.50
CA LEU A 13 -1.40 49.25 -4.53
C LEU A 13 -0.39 48.73 -3.51
N CYS A 14 -0.88 47.97 -2.53
CA CYS A 14 -0.07 47.45 -1.43
C CYS A 14 0.27 45.97 -1.59
N LEU A 15 1.54 45.59 -1.38
CA LEU A 15 1.87 44.16 -1.32
C LEU A 15 2.18 43.71 0.11
N GLY A 16 2.02 42.43 0.37
CA GLY A 16 2.32 41.88 1.68
C GLY A 16 2.22 40.37 1.72
N HIS A 17 2.35 39.84 2.93
CA HIS A 17 2.25 38.40 3.15
C HIS A 17 1.24 38.15 4.25
N HIS A 18 0.83 36.90 4.41
CA HIS A 18 -0.12 36.59 5.46
C HIS A 18 0.61 36.51 6.80
N ALA A 19 -0.17 36.33 7.86
CA ALA A 19 0.35 36.08 9.18
C ALA A 19 -0.76 35.39 9.94
N VAL A 20 -0.49 34.96 11.16
CA VAL A 20 -1.51 34.37 12.00
C VAL A 20 -1.42 34.88 13.42
N PRO A 21 -2.53 34.81 14.17
CA PRO A 21 -2.47 35.26 15.57
C PRO A 21 -1.42 34.50 16.41
N ASN A 22 -1.51 33.17 16.45
CA ASN A 22 -0.56 32.32 17.17
C ASN A 22 0.26 31.42 16.25
N GLY A 23 1.53 31.74 16.05
CA GLY A 23 2.41 30.91 15.23
C GLY A 23 3.26 29.98 16.09
N THR A 24 4.23 29.29 15.48
CA THR A 24 5.05 28.32 16.20
C THR A 24 6.51 28.77 16.31
N LEU A 25 7.12 28.52 17.46
CA LEU A 25 8.53 28.83 17.67
C LEU A 25 9.44 27.77 17.06
N VAL A 26 10.50 28.21 16.40
CA VAL A 26 11.49 27.32 15.80
C VAL A 26 12.88 27.89 16.00
N LYS A 27 13.91 27.05 15.84
CA LYS A 27 15.31 27.47 15.99
C LYS A 27 16.01 27.66 14.65
N THR A 28 16.83 28.71 14.55
CA THR A 28 17.69 28.91 13.36
C THR A 28 19.14 29.00 13.82
N ILE A 29 20.05 29.29 12.88
CA ILE A 29 21.48 29.35 13.21
C ILE A 29 21.80 30.47 14.19
N THR A 30 21.14 31.61 14.05
CA THR A 30 21.39 32.72 14.97
C THR A 30 20.37 32.70 16.10
N ASP A 31 19.09 32.74 15.76
CA ASP A 31 18.05 32.94 16.76
C ASP A 31 17.60 31.67 17.44
N ASP A 32 17.52 31.76 18.76
CA ASP A 32 17.20 30.64 19.64
C ASP A 32 15.71 30.29 19.57
N GLN A 33 14.88 31.33 19.48
CA GLN A 33 13.44 31.19 19.35
C GLN A 33 12.93 32.22 18.34
N ILE A 34 12.11 31.80 17.39
CA ILE A 34 11.61 32.72 16.36
C ILE A 34 10.32 32.24 15.71
N GLU A 35 9.30 33.10 15.74
CA GLU A 35 7.95 32.69 15.35
C GLU A 35 7.79 32.60 13.83
N VAL A 36 7.20 31.49 13.37
CA VAL A 36 6.88 31.29 11.96
C VAL A 36 5.42 30.85 11.89
N THR A 37 4.88 30.72 10.68
CA THR A 37 3.43 30.50 10.53
C THR A 37 3.01 29.08 10.88
N ASN A 38 3.82 28.09 10.52
CA ASN A 38 3.60 26.71 10.95
C ASN A 38 4.92 25.95 11.02
N ALA A 39 4.92 24.86 11.79
CA ALA A 39 6.07 23.98 11.86
C ALA A 39 5.61 22.54 12.07
N THR A 40 6.48 21.61 11.68
CA THR A 40 6.22 20.20 11.90
C THR A 40 7.28 19.58 12.82
N GLU A 41 6.95 18.46 13.43
CA GLU A 41 7.83 17.80 14.40
C GLU A 41 8.76 16.80 13.73
N LEU A 42 10.06 16.88 14.02
CA LEU A 42 11.01 15.95 13.42
C LEU A 42 11.46 14.85 14.40
N VAL A 43 11.01 14.94 15.65
CA VAL A 43 11.39 13.95 16.66
C VAL A 43 10.19 13.20 17.21
N GLN A 44 10.10 11.92 16.85
CA GLN A 44 9.08 11.02 17.36
C GLN A 44 9.33 10.75 18.84
N SER A 45 8.33 10.99 19.69
CA SER A 45 8.54 10.91 21.13
C SER A 45 7.48 10.09 21.86
N SER A 46 6.60 9.43 21.10
CA SER A 46 5.52 8.66 21.69
C SER A 46 5.48 7.23 21.17
N SER A 47 4.88 6.35 21.97
CA SER A 47 4.72 4.97 21.60
C SER A 47 3.32 4.51 21.99
N THR A 48 2.66 3.79 21.08
CA THR A 48 1.36 3.16 21.36
C THR A 48 1.41 2.47 22.71
N GLY A 49 2.48 1.73 22.95
CA GLY A 49 2.70 1.02 24.20
C GLY A 49 2.87 -0.47 24.00
N LYS A 50 2.53 -0.96 22.82
CA LYS A 50 2.57 -2.38 22.53
C LYS A 50 3.44 -2.68 21.30
N ILE A 51 3.96 -3.91 21.22
CA ILE A 51 4.71 -4.34 20.06
C ILE A 51 3.78 -4.97 19.02
N CYS A 52 3.97 -4.63 17.74
CA CYS A 52 3.07 -5.10 16.69
C CYS A 52 3.55 -6.40 16.07
N ASN A 53 2.63 -7.35 15.95
CA ASN A 53 2.98 -8.71 15.52
C ASN A 53 3.25 -8.84 14.02
N ASN A 54 3.18 -7.71 13.32
CA ASN A 54 3.50 -7.67 11.91
C ASN A 54 4.18 -6.35 11.57
N PRO A 55 5.06 -6.35 10.55
CA PRO A 55 5.39 -7.43 9.63
C PRO A 55 6.43 -8.40 10.18
N HIS A 56 6.95 -8.06 11.35
CA HIS A 56 7.98 -8.88 11.94
C HIS A 56 7.34 -10.05 12.64
N ARG A 57 8.03 -11.19 12.62
CA ARG A 57 7.58 -12.37 13.36
C ARG A 57 8.10 -12.32 14.79
N ILE A 58 7.26 -11.84 15.70
CA ILE A 58 7.65 -11.70 17.10
C ILE A 58 7.39 -13.00 17.88
N LEU A 59 8.40 -13.45 18.62
CA LEU A 59 8.24 -14.63 19.49
C LEU A 59 8.35 -14.22 20.96
N ASP A 60 7.21 -14.28 21.66
CA ASP A 60 7.17 -14.00 23.09
C ASP A 60 7.74 -15.19 23.87
N GLY A 61 8.85 -14.96 24.55
CA GLY A 61 9.49 -15.99 25.35
C GLY A 61 8.68 -16.34 26.59
N ILE A 62 7.94 -15.36 27.11
CA ILE A 62 7.12 -15.56 28.29
C ILE A 62 8.17 -15.87 29.37
N ASP A 63 8.01 -17.00 30.03
CA ASP A 63 8.79 -17.33 31.22
C ASP A 63 10.14 -17.93 30.88
N CYS A 64 10.46 -17.98 29.60
CA CYS A 64 11.72 -18.56 29.14
C CYS A 64 12.72 -17.54 28.62
N THR A 65 14.00 -17.74 28.94
CA THR A 65 15.05 -17.02 28.26
C THR A 65 15.43 -17.82 27.01
N LEU A 66 16.10 -17.18 26.07
CA LEU A 66 16.44 -17.84 24.82
C LEU A 66 17.32 -19.06 25.07
N ILE A 67 18.20 -18.94 26.06
CA ILE A 67 19.14 -20.01 26.38
C ILE A 67 18.42 -21.22 26.95
N ASP A 68 17.53 -20.99 27.90
CA ASP A 68 16.72 -22.07 28.47
C ASP A 68 15.99 -22.84 27.38
N ALA A 69 15.32 -22.10 26.50
CA ALA A 69 14.62 -22.67 25.36
C ALA A 69 15.58 -23.46 24.48
N LEU A 70 16.77 -22.89 24.28
CA LEU A 70 17.83 -23.53 23.52
C LEU A 70 18.20 -24.86 24.15
N LEU A 71 18.47 -24.82 25.45
CA LEU A 71 19.01 -25.96 26.18
C LEU A 71 18.01 -27.08 26.37
N GLY A 72 16.78 -26.74 26.71
CA GLY A 72 15.76 -27.76 26.93
C GLY A 72 15.16 -27.81 28.32
N ASP A 73 15.27 -26.70 29.07
CA ASP A 73 14.56 -26.52 30.32
C ASP A 73 13.09 -26.88 30.11
N PRO A 74 12.57 -27.84 30.90
CA PRO A 74 11.23 -28.41 30.75
C PRO A 74 10.12 -27.41 30.40
N HIS A 75 9.99 -26.32 31.14
CA HIS A 75 8.90 -25.38 30.86
C HIS A 75 9.14 -24.56 29.58
N CYS A 76 10.29 -24.80 28.93
CA CYS A 76 10.64 -24.15 27.67
C CYS A 76 10.65 -25.12 26.50
N ASP A 77 9.87 -26.20 26.61
CA ASP A 77 9.88 -27.23 25.57
C ASP A 77 8.91 -26.86 24.47
N VAL A 78 8.03 -25.91 24.77
CA VAL A 78 7.08 -25.41 23.79
C VAL A 78 7.84 -24.67 22.68
N PHE A 79 9.00 -24.11 23.03
CA PHE A 79 9.83 -23.34 22.10
C PHE A 79 10.74 -24.17 21.20
N GLN A 80 10.50 -25.47 21.13
CA GLN A 80 11.33 -26.35 20.30
C GLN A 80 11.08 -26.09 18.83
N ASN A 81 12.12 -26.28 18.02
CA ASN A 81 12.04 -26.11 16.57
C ASN A 81 11.45 -24.73 16.16
N GLU A 82 11.56 -23.74 17.06
CA GLU A 82 10.93 -22.43 16.85
C GLU A 82 11.76 -21.45 16.01
N THR A 83 11.08 -20.46 15.45
CA THR A 83 11.73 -19.44 14.63
C THR A 83 11.26 -18.03 14.97
N TRP A 84 12.15 -17.07 14.85
CA TRP A 84 11.78 -15.69 15.09
C TRP A 84 12.48 -14.70 14.18
N ASP A 85 11.82 -13.57 13.96
CA ASP A 85 12.49 -12.38 13.48
C ASP A 85 13.02 -11.66 14.74
N LEU A 86 12.15 -11.45 15.73
CA LEU A 86 12.59 -10.83 16.98
C LEU A 86 12.13 -11.62 18.22
N PHE A 87 13.08 -12.19 18.96
CA PHE A 87 12.78 -12.93 20.18
C PHE A 87 12.63 -11.96 21.34
N VAL A 88 11.54 -12.04 22.09
CA VAL A 88 11.32 -11.09 23.19
C VAL A 88 11.44 -11.74 24.57
N GLU A 89 12.52 -11.41 25.28
CA GLU A 89 12.74 -11.93 26.62
C GLU A 89 12.02 -11.12 27.70
N ARG A 90 10.95 -11.69 28.23
CA ARG A 90 10.21 -11.05 29.33
C ARG A 90 11.09 -11.04 30.58
N SER A 91 10.73 -10.20 31.55
CA SER A 91 11.52 -10.07 32.77
C SER A 91 11.07 -11.06 33.85
N LYS A 92 9.98 -11.75 33.61
CA LYS A 92 9.45 -12.73 34.54
C LYS A 92 10.07 -14.09 34.28
N ALA A 93 10.92 -14.17 33.26
CA ALA A 93 11.57 -15.42 32.89
C ALA A 93 12.44 -15.94 34.02
N PHE A 94 12.33 -17.26 34.27
CA PHE A 94 13.13 -17.95 35.28
C PHE A 94 13.74 -19.20 34.69
N SER A 95 14.67 -19.80 35.43
CA SER A 95 15.18 -21.12 35.11
C SER A 95 14.63 -22.16 36.09
N ASN A 96 14.13 -23.27 35.58
CA ASN A 96 13.67 -24.35 36.44
C ASN A 96 14.21 -25.71 35.99
N CYS A 97 15.53 -25.86 36.09
CA CYS A 97 16.22 -27.06 35.64
C CYS A 97 17.51 -27.21 36.44
N TYR A 98 18.49 -27.95 35.91
CA TYR A 98 19.79 -28.08 36.58
C TYR A 98 20.51 -26.73 36.62
N PRO A 99 21.06 -26.37 37.79
CA PRO A 99 21.79 -25.11 37.96
C PRO A 99 23.00 -25.00 37.03
N TYR A 100 22.91 -24.14 36.02
CA TYR A 100 23.99 -24.02 35.05
C TYR A 100 24.59 -22.64 35.03
N ASP A 101 25.61 -22.49 34.19
CA ASP A 101 26.17 -21.19 33.85
C ASP A 101 26.91 -21.34 32.52
N VAL A 102 26.90 -20.27 31.72
CA VAL A 102 27.61 -20.28 30.45
C VAL A 102 28.76 -19.26 30.46
N PRO A 103 30.00 -19.75 30.37
CA PRO A 103 31.08 -18.83 30.02
C PRO A 103 30.74 -18.17 28.70
N ASP A 104 30.92 -16.86 28.61
CA ASP A 104 30.52 -16.07 27.44
C ASP A 104 29.02 -16.22 27.13
N TYR A 105 28.19 -16.05 28.15
CA TYR A 105 26.75 -16.16 28.01
C TYR A 105 26.23 -15.16 26.95
N ALA A 106 26.73 -13.92 27.01
CA ALA A 106 26.37 -12.88 26.04
C ALA A 106 26.54 -13.31 24.59
N SER A 107 27.71 -13.89 24.27
CA SER A 107 28.00 -14.32 22.90
C SER A 107 27.10 -15.46 22.42
N LEU A 108 26.81 -16.43 23.30
CA LEU A 108 25.92 -17.52 22.91
C LEU A 108 24.53 -16.97 22.59
N ARG A 109 23.97 -16.21 23.52
CA ARG A 109 22.66 -15.58 23.32
C ARG A 109 22.59 -14.77 22.02
N SER A 110 23.64 -14.06 21.72
CA SER A 110 23.68 -13.25 20.53
C SER A 110 23.72 -14.08 19.28
N LEU A 111 24.65 -14.99 19.22
CA LEU A 111 24.90 -15.74 17.99
C LEU A 111 23.66 -16.56 17.66
N VAL A 112 22.98 -17.05 18.69
CA VAL A 112 21.74 -17.80 18.50
C VAL A 112 20.61 -16.86 18.04
N ALA A 113 20.42 -15.75 18.74
CA ALA A 113 19.38 -14.78 18.40
C ALA A 113 19.46 -14.29 16.95
N SER A 114 20.68 -14.14 16.45
CA SER A 114 20.93 -13.75 15.06
C SER A 114 20.52 -14.85 14.08
N SER A 115 20.73 -16.10 14.49
CA SER A 115 20.41 -17.25 13.66
C SER A 115 18.90 -17.42 13.56
N GLY A 116 18.20 -17.04 14.62
CA GLY A 116 16.76 -16.91 14.57
C GLY A 116 15.94 -18.19 14.53
N THR A 117 16.61 -19.32 14.76
CA THR A 117 15.95 -20.61 14.70
C THR A 117 16.51 -21.57 15.74
N LEU A 118 15.62 -22.26 16.46
CA LEU A 118 16.00 -23.35 17.38
C LEU A 118 15.77 -24.70 16.72
N GLU A 119 15.67 -24.70 15.38
CA GLU A 119 15.54 -25.94 14.63
C GLU A 119 16.67 -26.88 14.97
N PHE A 120 16.32 -27.93 15.72
CA PHE A 120 17.26 -28.92 16.18
C PHE A 120 17.11 -30.20 15.36
N ILE A 121 18.24 -30.81 15.03
CA ILE A 121 18.23 -32.11 14.36
C ILE A 121 18.94 -33.12 15.24
N THR A 122 18.20 -34.11 15.75
CA THR A 122 18.83 -35.15 16.57
C THR A 122 19.75 -36.01 15.72
N GLU A 123 20.88 -36.44 16.30
CA GLU A 123 21.85 -37.27 15.59
C GLU A 123 22.14 -38.58 16.33
N GLY A 124 22.50 -39.61 15.56
CA GLY A 124 22.79 -40.93 16.10
C GLY A 124 24.16 -41.04 16.73
N PHE A 125 24.27 -40.60 17.98
CA PHE A 125 25.50 -40.76 18.73
C PHE A 125 25.52 -42.14 19.37
N THR A 126 26.73 -42.65 19.61
CA THR A 126 26.87 -43.98 20.16
C THR A 126 27.83 -43.95 21.35
N TRP A 127 27.27 -44.08 22.55
CA TRP A 127 28.05 -43.95 23.77
C TRP A 127 28.31 -45.32 24.40
N THR A 128 28.95 -46.22 23.66
CA THR A 128 29.18 -47.57 24.17
C THR A 128 30.04 -47.48 25.42
N GLY A 129 29.47 -47.94 26.53
CA GLY A 129 30.19 -48.07 27.79
C GLY A 129 29.59 -47.30 28.96
N VAL A 130 28.58 -46.48 28.68
CA VAL A 130 28.03 -45.58 29.70
C VAL A 130 26.50 -45.51 29.67
N THR A 131 25.92 -44.98 30.73
CA THR A 131 24.47 -44.95 30.88
C THR A 131 23.91 -43.58 30.48
N GLN A 132 23.06 -43.59 29.45
CA GLN A 132 22.52 -42.35 28.88
C GLN A 132 21.31 -41.81 29.65
N ASN A 133 20.91 -40.60 29.28
CA ASN A 133 19.67 -39.96 29.76
C ASN A 133 19.59 -39.68 31.24
N GLY A 134 20.72 -39.35 31.88
CA GLY A 134 20.72 -38.97 33.28
C GLY A 134 19.74 -37.84 33.60
N GLY A 135 19.22 -37.85 34.83
CA GLY A 135 18.21 -36.89 35.24
C GLY A 135 18.34 -36.39 36.67
N SER A 136 17.46 -35.46 37.05
CA SER A 136 17.58 -34.79 38.34
C SER A 136 16.25 -34.22 38.83
N ASN A 137 16.12 -34.04 40.15
CA ASN A 137 14.89 -33.50 40.72
C ASN A 137 14.89 -31.99 40.74
N ALA A 138 15.97 -31.40 40.26
CA ALA A 138 16.02 -29.97 40.08
C ALA A 138 15.45 -29.63 38.71
N CYS A 139 15.23 -30.67 37.91
CA CYS A 139 14.76 -30.48 36.53
C CYS A 139 13.59 -31.40 36.23
N LYS A 140 12.54 -31.30 37.05
CA LYS A 140 11.36 -32.14 36.90
C LYS A 140 10.67 -31.96 35.54
N ARG A 141 10.49 -33.07 34.83
CA ARG A 141 9.65 -33.14 33.63
C ARG A 141 8.64 -34.25 33.80
N GLY A 142 7.37 -33.87 33.86
CA GLY A 142 6.31 -34.83 34.15
C GLY A 142 6.35 -35.31 35.59
N PRO A 143 6.28 -36.64 35.79
CA PRO A 143 6.10 -37.23 37.12
C PRO A 143 7.37 -37.23 37.98
N GLY A 144 8.53 -37.46 37.37
CA GLY A 144 9.75 -37.52 38.15
C GLY A 144 10.89 -36.66 37.62
N SER A 145 12.11 -37.06 37.94
CA SER A 145 13.31 -36.35 37.52
C SER A 145 13.41 -36.22 36.00
N GLY A 146 14.34 -35.38 35.55
CA GLY A 146 14.55 -35.15 34.13
C GLY A 146 15.75 -34.28 33.84
N PHE A 147 15.81 -33.73 32.63
CA PHE A 147 16.96 -32.95 32.21
C PHE A 147 16.64 -31.98 31.09
N PHE A 148 17.65 -31.24 30.67
CA PHE A 148 17.61 -30.49 29.43
C PHE A 148 17.34 -31.41 28.26
N SER A 149 16.30 -31.11 27.49
CA SER A 149 15.88 -31.94 26.38
C SER A 149 16.92 -32.09 25.25
N ARG A 150 17.90 -31.20 25.20
CA ARG A 150 18.87 -31.22 24.10
C ARG A 150 20.24 -31.70 24.56
N LEU A 151 20.29 -32.20 25.79
CA LEU A 151 21.54 -32.65 26.37
C LEU A 151 21.43 -34.07 26.97
N ASN A 152 22.52 -34.81 26.87
CA ASN A 152 22.58 -36.20 27.34
C ASN A 152 23.50 -36.34 28.53
N TRP A 153 22.96 -36.54 29.72
CA TRP A 153 23.80 -36.77 30.91
C TRP A 153 24.35 -38.20 30.95
N LEU A 154 25.64 -38.33 30.67
CA LEU A 154 26.30 -39.63 30.65
C LEU A 154 26.94 -39.94 31.99
N THR A 155 26.73 -41.18 32.46
CA THR A 155 27.30 -41.68 33.72
C THR A 155 27.80 -43.12 33.54
N LYS A 156 28.48 -43.65 34.56
CA LYS A 156 29.09 -44.98 34.44
C LYS A 156 28.07 -46.09 34.22
N SER A 157 28.49 -47.12 33.49
CA SER A 157 27.71 -48.34 33.29
C SER A 157 28.44 -49.51 33.92
N GLY A 158 27.80 -50.11 34.93
CA GLY A 158 28.40 -51.17 35.72
C GLY A 158 29.30 -50.58 36.80
N SER A 159 30.59 -50.86 36.67
CA SER A 159 31.63 -50.38 37.56
C SER A 159 32.66 -49.59 36.75
N THR A 160 32.28 -49.21 35.53
CA THR A 160 33.21 -48.65 34.55
C THR A 160 32.72 -47.34 33.90
N TYR A 161 33.66 -46.46 33.57
CA TYR A 161 33.38 -45.33 32.68
C TYR A 161 34.50 -45.26 31.64
N PRO A 162 34.32 -45.93 30.51
CA PRO A 162 35.36 -46.04 29.48
C PRO A 162 35.69 -44.69 28.88
N VAL A 163 36.79 -44.61 28.13
CA VAL A 163 37.12 -43.36 27.46
C VAL A 163 36.29 -43.23 26.18
N LEU A 164 35.53 -42.15 26.09
CA LEU A 164 34.66 -41.89 24.94
C LEU A 164 35.45 -41.23 23.81
N ASN A 165 35.35 -41.81 22.62
CA ASN A 165 36.03 -41.29 21.46
C ASN A 165 35.12 -41.37 20.24
N VAL A 166 34.02 -40.61 20.28
CA VAL A 166 33.05 -40.58 19.18
C VAL A 166 33.31 -39.41 18.23
N THR A 167 32.83 -39.55 17.00
CA THR A 167 33.00 -38.51 15.98
C THR A 167 31.75 -38.34 15.12
N MET A 168 31.51 -37.12 14.68
CA MET A 168 30.35 -36.84 13.82
C MET A 168 30.70 -35.88 12.68
N PRO A 169 30.66 -36.40 11.43
CA PRO A 169 31.01 -35.57 10.28
C PRO A 169 29.92 -34.57 9.97
N ASN A 170 30.30 -33.46 9.36
CA ASN A 170 29.34 -32.52 8.80
C ASN A 170 29.36 -32.70 7.29
N ASN A 171 28.31 -33.35 6.78
CA ASN A 171 28.25 -33.68 5.36
C ASN A 171 27.12 -32.94 4.65
N ASP A 172 26.53 -31.97 5.34
CA ASP A 172 25.50 -31.12 4.72
C ASP A 172 26.16 -29.88 4.13
N ASN A 173 25.37 -28.98 3.57
CA ASN A 173 25.92 -27.77 2.96
C ASN A 173 25.75 -26.52 3.82
N PHE A 174 25.40 -26.71 5.10
CA PHE A 174 25.28 -25.58 6.01
C PHE A 174 26.18 -25.75 7.23
N ASP A 175 25.89 -24.97 8.27
CA ASP A 175 26.71 -24.95 9.49
C ASP A 175 25.97 -25.56 10.69
N LYS A 176 26.68 -26.42 11.43
CA LYS A 176 26.13 -27.08 12.60
C LYS A 176 26.58 -26.41 13.90
N LEU A 177 25.62 -25.91 14.68
CA LEU A 177 25.91 -25.48 16.05
C LEU A 177 25.66 -26.64 17.00
N TYR A 178 26.70 -27.02 17.76
CA TYR A 178 26.55 -28.03 18.82
C TYR A 178 26.58 -27.40 20.19
N ILE A 179 25.63 -27.77 21.04
CA ILE A 179 25.68 -27.38 22.44
C ILE A 179 25.95 -28.58 23.36
N TRP A 180 27.01 -28.47 24.16
CA TRP A 180 27.37 -29.53 25.10
C TRP A 180 27.80 -28.92 26.43
N GLY A 181 28.17 -29.77 27.38
CA GLY A 181 28.55 -29.28 28.69
C GLY A 181 29.49 -30.19 29.46
N ILE A 182 29.87 -29.73 30.65
CA ILE A 182 30.69 -30.53 31.55
C ILE A 182 30.06 -30.46 32.95
N HIS A 183 30.39 -31.41 33.81
CA HIS A 183 29.73 -31.48 35.11
C HIS A 183 30.70 -31.25 36.27
N HIS A 184 30.30 -30.40 37.20
CA HIS A 184 31.12 -30.05 38.36
C HIS A 184 30.49 -30.59 39.65
N PRO A 185 30.95 -31.75 40.12
CA PRO A 185 30.40 -32.36 41.34
C PRO A 185 30.76 -31.59 42.62
N SER A 186 29.86 -31.61 43.61
CA SER A 186 30.09 -30.90 44.88
C SER A 186 31.18 -31.55 45.71
N THR A 187 31.29 -32.87 45.60
CA THR A 187 32.19 -33.65 46.43
C THR A 187 32.97 -34.69 45.62
N ASN A 188 33.99 -35.31 46.22
CA ASN A 188 34.70 -36.40 45.56
C ASN A 188 33.85 -37.65 45.54
N GLN A 189 33.04 -37.81 46.58
CA GLN A 189 32.10 -38.92 46.66
C GLN A 189 31.20 -38.93 45.44
N GLU A 190 30.61 -37.77 45.12
CA GLU A 190 29.69 -37.68 43.97
C GLU A 190 30.46 -37.89 42.67
N GLN A 191 31.67 -37.33 42.59
CA GLN A 191 32.53 -37.53 41.41
C GLN A 191 32.76 -39.02 41.06
N THR A 192 33.35 -39.78 41.96
CA THR A 192 33.67 -41.18 41.63
C THR A 192 32.41 -42.03 41.53
N SER A 193 31.42 -41.73 42.37
CA SER A 193 30.16 -42.46 42.37
C SER A 193 29.40 -42.39 41.04
N LEU A 194 29.70 -41.38 40.21
CA LEU A 194 29.00 -41.17 38.94
C LEU A 194 29.88 -41.48 37.72
N TYR A 195 31.05 -40.87 37.71
CA TYR A 195 32.03 -41.00 36.63
C TYR A 195 33.25 -41.59 37.28
N VAL A 196 33.43 -42.90 37.18
CA VAL A 196 34.28 -43.65 38.10
C VAL A 196 35.70 -43.07 38.29
N GLN A 197 36.18 -42.31 37.30
CA GLN A 197 37.50 -41.67 37.40
C GLN A 197 37.53 -40.60 38.49
N ALA A 198 38.72 -40.17 38.89
CA ALA A 198 38.86 -39.24 40.00
C ALA A 198 38.88 -37.78 39.52
N SER A 199 39.28 -37.60 38.27
CA SER A 199 39.25 -36.28 37.65
C SER A 199 38.78 -36.41 36.21
N GLY A 200 37.70 -35.72 35.88
CA GLY A 200 37.15 -35.79 34.54
C GLY A 200 37.94 -34.97 33.54
N ARG A 201 37.48 -34.96 32.29
CA ARG A 201 38.09 -34.20 31.22
C ARG A 201 37.26 -34.32 29.94
N VAL A 202 36.86 -33.19 29.36
CA VAL A 202 36.18 -33.21 28.07
C VAL A 202 36.99 -32.43 27.05
N THR A 203 37.19 -33.00 25.86
CA THR A 203 37.88 -32.32 24.78
C THR A 203 37.06 -32.41 23.49
N VAL A 204 36.34 -31.34 23.19
CA VAL A 204 35.54 -31.27 21.98
C VAL A 204 36.30 -30.46 20.93
N SER A 205 36.41 -31.00 19.72
CA SER A 205 37.28 -30.40 18.72
C SER A 205 36.86 -30.66 17.28
N THR A 206 37.15 -29.68 16.43
CA THR A 206 37.08 -29.85 15.00
C THR A 206 38.48 -29.89 14.42
N ARG A 207 38.56 -29.82 13.10
CA ARG A 207 39.84 -29.80 12.41
C ARG A 207 40.66 -28.56 12.70
N ARG A 208 40.01 -27.41 12.66
CA ARG A 208 40.73 -26.17 12.82
C ARG A 208 40.73 -25.71 14.27
N SER A 209 39.73 -26.17 15.03
CA SER A 209 39.52 -25.65 16.38
C SER A 209 39.49 -26.73 17.46
N GLN A 210 39.71 -26.28 18.69
CA GLN A 210 39.90 -27.18 19.82
C GLN A 210 39.61 -26.48 21.14
N GLN A 211 38.86 -27.12 22.01
CA GLN A 211 38.73 -26.67 23.40
C GLN A 211 38.55 -27.87 24.30
N THR A 212 38.97 -27.73 25.55
CA THR A 212 38.94 -28.84 26.51
C THR A 212 38.84 -28.34 27.95
N ILE A 213 37.84 -28.84 28.68
CA ILE A 213 37.57 -28.37 30.03
C ILE A 213 37.83 -29.46 31.02
N ILE A 214 38.44 -29.10 32.15
CA ILE A 214 38.60 -30.02 33.27
C ILE A 214 37.56 -29.63 34.32
N PRO A 215 36.85 -30.62 34.88
CA PRO A 215 35.82 -30.26 35.87
C PRO A 215 36.44 -29.83 37.18
N ASN A 216 35.65 -29.12 37.98
CA ASN A 216 36.15 -28.51 39.20
C ASN A 216 35.25 -28.90 40.36
N ILE A 217 35.78 -29.74 41.26
CA ILE A 217 34.98 -30.25 42.36
C ILE A 217 34.94 -29.23 43.50
N GLY A 218 33.77 -29.07 44.10
CA GLY A 218 33.62 -28.12 45.17
C GLY A 218 32.18 -27.72 45.38
N SER A 219 31.87 -27.22 46.57
CA SER A 219 30.51 -26.83 46.92
C SER A 219 30.16 -25.46 46.38
N ARG A 220 28.97 -25.38 45.79
CA ARG A 220 28.42 -24.11 45.34
C ARG A 220 27.20 -23.82 46.22
N PRO A 221 26.65 -22.60 46.14
CA PRO A 221 25.45 -22.41 46.96
C PRO A 221 24.29 -23.26 46.46
N TRP A 222 23.57 -23.83 47.41
CA TRP A 222 22.43 -24.71 47.17
C TRP A 222 21.37 -24.00 46.31
N VAL A 223 21.14 -24.51 45.09
CA VAL A 223 20.08 -24.01 44.23
C VAL A 223 19.17 -25.16 43.79
N ARG A 224 17.87 -25.04 44.03
CA ARG A 224 16.92 -26.11 43.72
C ARG A 224 17.48 -27.47 44.16
N GLY A 225 18.05 -27.51 45.36
CA GLY A 225 18.53 -28.76 45.93
C GLY A 225 19.99 -29.11 45.72
N LEU A 226 20.55 -28.75 44.58
CA LEU A 226 21.93 -29.12 44.28
C LEU A 226 22.91 -28.03 44.65
N SER A 227 24.15 -28.42 44.88
CA SER A 227 25.22 -27.45 45.13
C SER A 227 26.34 -27.77 44.15
N SER A 228 26.02 -28.60 43.17
CA SER A 228 26.90 -28.87 42.04
C SER A 228 26.42 -28.08 40.82
N ARG A 229 27.22 -28.05 39.75
CA ARG A 229 26.83 -27.27 38.58
C ARG A 229 27.15 -27.91 37.23
N ILE A 230 26.64 -27.28 36.18
CA ILE A 230 26.95 -27.58 34.79
C ILE A 230 27.55 -26.36 34.12
N SER A 231 28.59 -26.54 33.31
CA SER A 231 29.09 -25.43 32.50
C SER A 231 28.81 -25.70 31.03
N ILE A 232 28.13 -24.76 30.37
CA ILE A 232 27.71 -24.91 28.99
C ILE A 232 28.70 -24.32 27.99
N TYR A 233 29.07 -25.14 27.02
CA TYR A 233 30.00 -24.71 25.97
C TYR A 233 29.36 -25.00 24.63
N TRP A 234 29.88 -24.39 23.58
CA TRP A 234 29.40 -24.67 22.23
C TRP A 234 30.55 -24.80 21.26
N THR A 235 30.25 -25.40 20.10
CA THR A 235 31.20 -25.58 19.01
C THR A 235 30.45 -25.52 17.70
N ILE A 236 31.03 -24.87 16.70
CA ILE A 236 30.42 -24.79 15.38
C ILE A 236 31.27 -25.59 14.38
N VAL A 237 30.58 -26.39 13.56
CA VAL A 237 31.25 -27.24 12.58
C VAL A 237 30.85 -26.88 11.16
N LYS A 238 31.82 -26.40 10.37
CA LYS A 238 31.57 -26.00 8.99
C LYS A 238 31.55 -27.24 8.07
N PRO A 239 30.94 -27.11 6.87
CA PRO A 239 30.90 -28.25 5.95
C PRO A 239 32.28 -28.83 5.66
N GLY A 240 32.37 -30.16 5.62
CA GLY A 240 33.64 -30.81 5.41
C GLY A 240 34.40 -31.04 6.71
N ASP A 241 34.35 -30.06 7.60
CA ASP A 241 34.95 -30.16 8.93
C ASP A 241 34.18 -31.23 9.72
N VAL A 242 34.77 -31.74 10.79
CA VAL A 242 34.19 -32.87 11.53
C VAL A 242 34.35 -32.71 13.05
N LEU A 243 33.31 -33.04 13.80
CA LEU A 243 33.34 -32.96 15.25
C LEU A 243 33.98 -34.20 15.90
N VAL A 244 34.80 -34.00 16.93
CA VAL A 244 35.37 -35.12 17.69
C VAL A 244 35.28 -34.89 19.19
N ILE A 245 34.44 -35.69 19.85
CA ILE A 245 34.25 -35.58 21.30
C ILE A 245 35.07 -36.64 22.01
N ASN A 246 35.85 -36.20 23.01
CA ASN A 246 36.75 -37.09 23.72
C ASN A 246 36.74 -36.85 25.22
N SER A 247 36.26 -37.83 25.99
CA SER A 247 36.09 -37.64 27.42
C SER A 247 36.16 -38.93 28.20
N ASN A 248 36.90 -38.88 29.32
CA ASN A 248 36.98 -39.99 30.24
C ASN A 248 36.20 -39.69 31.52
N GLY A 249 35.22 -38.80 31.42
CA GLY A 249 34.37 -38.49 32.57
C GLY A 249 33.86 -37.08 32.62
N ASN A 250 32.66 -36.93 33.19
CA ASN A 250 31.99 -35.65 33.46
C ASN A 250 31.38 -34.96 32.25
N LEU A 251 31.28 -35.66 31.12
CA LEU A 251 30.73 -35.07 29.90
C LEU A 251 29.20 -34.89 29.92
N ILE A 252 28.72 -33.79 29.37
CA ILE A 252 27.29 -33.63 29.08
C ILE A 252 27.14 -33.60 27.57
N ALA A 253 26.76 -34.74 27.01
CA ALA A 253 26.83 -34.94 25.57
C ALA A 253 25.73 -34.21 24.79
N PRO A 254 26.05 -33.82 23.55
CA PRO A 254 25.08 -33.25 22.61
C PRO A 254 24.25 -34.34 21.93
N ARG A 255 22.93 -34.16 21.88
CA ARG A 255 22.07 -35.11 21.21
C ARG A 255 22.08 -34.85 19.70
N GLY A 256 22.58 -33.69 19.30
CA GLY A 256 22.60 -33.30 17.90
C GLY A 256 22.94 -31.83 17.70
N TYR A 257 22.50 -31.28 16.57
CA TYR A 257 22.86 -29.90 16.23
C TYR A 257 21.68 -29.00 15.97
N PHE A 258 21.88 -27.72 16.26
CA PHE A 258 20.97 -26.68 15.76
C PHE A 258 21.45 -26.22 14.40
N LYS A 259 20.51 -25.94 13.48
CA LYS A 259 20.93 -25.40 12.20
C LYS A 259 21.23 -23.90 12.33
N MET A 260 22.34 -23.49 11.71
CA MET A 260 22.78 -22.09 11.69
C MET A 260 22.30 -21.38 10.42
N ARG A 261 21.67 -20.22 10.61
CA ARG A 261 21.28 -19.36 9.50
C ARG A 261 21.83 -17.95 9.64
N THR A 262 21.83 -17.19 8.55
CA THR A 262 22.18 -15.77 8.59
C THR A 262 21.06 -14.93 8.03
N GLY A 263 20.46 -14.09 8.88
CA GLY A 263 19.40 -13.22 8.45
C GLY A 263 19.15 -12.07 9.40
N LYS A 264 18.00 -11.44 9.27
CA LYS A 264 17.66 -10.26 10.05
C LYS A 264 17.04 -10.59 11.41
N SER A 265 17.49 -11.67 12.03
CA SER A 265 16.93 -12.11 13.30
C SER A 265 17.66 -11.43 14.46
N SER A 266 16.93 -11.23 15.57
CA SER A 266 17.57 -10.75 16.79
C SER A 266 16.72 -11.00 18.03
N ILE A 267 17.15 -10.40 19.15
CA ILE A 267 16.47 -10.58 20.42
C ILE A 267 16.39 -9.22 21.12
N MET A 268 15.35 -9.04 21.93
CA MET A 268 15.12 -7.79 22.65
C MET A 268 14.50 -8.11 24.00
N ARG A 269 14.81 -7.30 25.00
CA ARG A 269 14.18 -7.45 26.31
C ARG A 269 13.11 -6.38 26.49
N SER A 270 11.87 -6.80 26.73
CA SER A 270 10.77 -5.86 26.86
C SER A 270 9.56 -6.49 27.54
N ASP A 271 8.82 -5.68 28.30
CA ASP A 271 7.63 -6.18 29.00
C ASP A 271 6.35 -5.62 28.40
N ALA A 272 6.46 -5.02 27.22
CA ALA A 272 5.30 -4.49 26.52
C ALA A 272 4.52 -5.63 25.87
N PRO A 273 3.19 -5.63 26.03
CA PRO A 273 2.38 -6.69 25.44
C PRO A 273 2.42 -6.65 23.91
N ILE A 274 2.16 -7.78 23.29
CA ILE A 274 2.14 -7.83 21.84
C ILE A 274 0.70 -7.74 21.40
N ASP A 275 0.47 -7.10 20.26
CA ASP A 275 -0.86 -6.84 19.77
C ASP A 275 -0.91 -7.08 18.26
N THR A 276 -2.09 -7.28 17.71
CA THR A 276 -2.24 -7.48 16.27
C THR A 276 -2.42 -6.15 15.55
N CYS A 277 -1.32 -5.63 15.02
CA CYS A 277 -1.31 -4.40 14.23
C CYS A 277 -0.03 -4.36 13.38
N ILE A 278 0.11 -3.33 12.55
CA ILE A 278 1.30 -3.18 11.71
C ILE A 278 2.20 -2.06 12.23
N SER A 279 3.52 -2.28 12.14
CA SER A 279 4.54 -1.28 12.51
C SER A 279 5.94 -1.84 12.24
N GLU A 280 6.80 -1.04 11.63
CA GLU A 280 8.11 -1.52 11.20
C GLU A 280 9.21 -1.21 12.21
N CYS A 281 8.98 -0.26 13.10
CA CYS A 281 9.96 0.02 14.14
C CYS A 281 9.55 -0.53 15.50
N ILE A 282 10.42 -1.33 16.10
CA ILE A 282 10.19 -1.89 17.44
C ILE A 282 11.20 -1.36 18.47
N THR A 283 10.69 -0.93 19.61
CA THR A 283 11.52 -0.56 20.77
C THR A 283 11.04 -1.34 22.00
N PRO A 284 11.85 -1.38 23.07
CA PRO A 284 11.36 -1.95 24.34
C PRO A 284 10.09 -1.28 24.85
N ASN A 285 9.87 -0.02 24.49
CA ASN A 285 8.69 0.72 24.94
C ASN A 285 7.47 0.46 24.03
N GLY A 286 7.66 -0.40 23.04
CA GLY A 286 6.61 -0.69 22.09
C GLY A 286 6.98 -0.26 20.67
N SER A 287 6.08 -0.49 19.73
CA SER A 287 6.31 -0.08 18.36
C SER A 287 6.08 1.44 18.18
N ILE A 288 6.82 2.04 17.25
CA ILE A 288 6.66 3.46 16.95
C ILE A 288 6.68 3.68 15.42
N PRO A 289 6.02 4.75 14.93
CA PRO A 289 6.05 4.97 13.47
C PRO A 289 7.32 5.68 13.03
N ASN A 290 7.92 5.26 11.91
CA ASN A 290 9.18 5.87 11.49
C ASN A 290 8.96 6.92 10.41
N ASP A 291 7.88 7.67 10.53
CA ASP A 291 7.64 8.75 9.59
C ASP A 291 8.72 9.84 9.79
N LYS A 292 8.88 10.33 11.02
CA LYS A 292 9.90 11.33 11.32
C LYS A 292 11.32 10.74 11.27
N PRO A 293 12.33 11.57 10.99
CA PRO A 293 13.73 11.11 10.89
C PRO A 293 14.40 10.78 12.21
N PHE A 294 13.92 11.35 13.32
CA PHE A 294 14.53 11.06 14.61
C PHE A 294 13.49 10.65 15.65
N GLN A 295 13.93 9.80 16.58
CA GLN A 295 13.08 9.39 17.68
C GLN A 295 13.80 9.61 19.03
N ASN A 296 13.00 9.77 20.09
CA ASN A 296 13.56 9.99 21.42
C ASN A 296 13.09 8.92 22.42
N VAL A 297 12.45 7.87 21.91
CA VAL A 297 11.86 6.83 22.77
C VAL A 297 12.90 5.96 23.48
N ASN A 298 13.65 5.17 22.71
CA ASN A 298 14.68 4.28 23.27
C ASN A 298 15.83 4.12 22.29
N LYS A 299 17.06 4.14 22.81
CA LYS A 299 18.24 3.90 21.97
C LYS A 299 18.22 2.49 21.39
N ILE A 300 17.48 1.59 22.05
CA ILE A 300 17.34 0.21 21.58
C ILE A 300 16.26 0.13 20.51
N THR A 301 16.64 -0.47 19.40
CA THR A 301 15.88 -0.35 18.16
C THR A 301 15.91 -1.64 17.36
N TYR A 302 14.81 -1.96 16.70
CA TYR A 302 14.82 -3.07 15.76
C TYR A 302 13.93 -2.78 14.56
N GLY A 303 14.53 -2.84 13.37
CA GLY A 303 13.80 -2.57 12.14
C GLY A 303 14.08 -1.19 11.57
N ALA A 304 13.27 -0.80 10.59
CA ALA A 304 13.33 0.55 10.03
C ALA A 304 12.88 1.60 11.06
N CYS A 305 13.84 2.35 11.60
CA CYS A 305 13.57 3.26 12.72
C CYS A 305 14.13 4.67 12.56
N PRO A 306 13.47 5.66 13.16
CA PRO A 306 14.16 6.95 13.22
C PRO A 306 15.41 6.86 14.10
N LYS A 307 16.42 7.69 13.90
CA LYS A 307 17.61 7.59 14.73
C LYS A 307 17.39 8.15 16.12
N TYR A 308 17.86 7.43 17.14
CA TYR A 308 17.70 7.90 18.50
C TYR A 308 18.49 9.19 18.65
N VAL A 309 17.85 10.24 19.17
CA VAL A 309 18.55 11.48 19.52
C VAL A 309 18.19 11.87 20.97
N LYS A 310 18.94 12.81 21.53
CA LYS A 310 18.74 13.21 22.92
C LYS A 310 17.57 14.18 23.08
N GLN A 311 17.37 15.06 22.09
CA GLN A 311 16.26 16.03 22.09
C GLN A 311 14.91 15.32 22.03
N ASN A 312 13.90 15.95 22.62
CA ASN A 312 12.55 15.38 22.58
C ASN A 312 11.67 16.13 21.58
N THR A 313 12.21 17.23 21.06
CA THR A 313 11.52 17.96 20.00
C THR A 313 12.47 18.79 19.14
N LEU A 314 12.33 18.61 17.84
CA LEU A 314 12.99 19.45 16.86
C LEU A 314 11.96 19.91 15.84
N LYS A 315 11.60 21.19 15.90
CA LYS A 315 10.60 21.76 14.98
C LYS A 315 11.23 22.19 13.67
N LEU A 316 10.73 21.62 12.58
CA LEU A 316 11.08 22.09 11.24
C LEU A 316 10.06 23.13 10.78
N ALA A 317 10.53 24.36 10.55
CA ALA A 317 9.63 25.44 10.09
C ALA A 317 9.03 25.07 8.74
N THR A 318 7.70 25.08 8.66
CA THR A 318 7.02 24.66 7.45
C THR A 318 6.27 25.87 6.86
N GLY A 319 6.72 27.06 7.24
CA GLY A 319 6.17 28.30 6.72
C GLY A 319 7.11 29.49 6.90
N MET A 320 6.71 30.66 6.37
CA MET A 320 7.53 31.88 6.47
C MET A 320 7.54 32.47 7.88
N ARG A 321 8.27 33.54 8.08
CA ARG A 321 8.29 34.17 9.37
C ARG A 321 6.94 34.77 9.60
N ASN A 322 6.43 34.61 10.80
CA ASN A 322 5.11 35.13 11.13
C ASN A 322 5.22 36.44 11.90
N VAL A 323 4.77 37.51 11.25
CA VAL A 323 4.79 38.81 11.88
C VAL A 323 3.37 39.38 11.82
N PRO A 324 2.72 39.47 12.98
CA PRO A 324 1.39 40.06 13.12
C PRO A 324 1.53 41.57 13.20
N GLU A 325 0.57 42.25 13.82
CA GLU A 325 0.82 43.49 14.51
C GLU A 325 0.32 43.23 15.93
N ILE B 10 8.48 45.02 3.82
CA ILE B 10 7.13 45.49 4.04
C ILE B 10 7.02 46.14 5.39
N GLU B 11 6.09 45.64 6.19
CA GLU B 11 5.87 46.14 7.55
C GLU B 11 5.36 45.07 8.50
N ASN B 12 4.35 44.33 8.07
CA ASN B 12 3.84 43.22 8.82
C ASN B 12 2.90 42.46 7.93
N GLY B 13 2.30 41.39 8.43
CA GLY B 13 1.48 40.55 7.61
C GLY B 13 0.01 40.78 7.84
N TRP B 14 -0.82 40.13 7.03
CA TRP B 14 -2.25 40.36 7.05
C TRP B 14 -3.03 39.15 7.50
N GLU B 15 -3.26 39.05 8.80
CA GLU B 15 -3.97 37.89 9.34
C GLU B 15 -5.24 37.57 8.57
N GLY B 16 -5.77 38.59 7.88
CA GLY B 16 -7.00 38.46 7.12
C GLY B 16 -6.86 37.76 5.77
N MET B 17 -5.62 37.49 5.38
CA MET B 17 -5.37 36.64 4.22
C MET B 17 -5.40 35.15 4.63
N ILE B 18 -6.35 34.40 4.07
CA ILE B 18 -6.55 33.00 4.49
C ILE B 18 -6.66 32.06 3.28
N ASP B 19 -6.36 32.59 2.11
CA ASP B 19 -6.49 31.80 0.88
C ASP B 19 -5.16 31.73 0.10
N GLY B 20 -4.10 32.26 0.69
CA GLY B 20 -2.80 32.25 0.03
C GLY B 20 -1.72 32.85 0.93
N TRP B 21 -0.49 32.86 0.41
CA TRP B 21 0.65 33.31 1.19
C TRP B 21 1.11 34.72 0.83
N TYR B 22 1.07 35.02 -0.45
CA TYR B 22 1.39 36.37 -0.92
C TYR B 22 0.18 36.95 -1.65
N GLY B 23 0.08 38.28 -1.72
CA GLY B 23 -1.03 38.93 -2.40
C GLY B 23 -1.06 40.45 -2.35
N PHE B 24 -2.07 41.03 -2.99
CA PHE B 24 -2.21 42.48 -3.08
C PHE B 24 -3.40 42.99 -2.26
N ARG B 25 -3.27 44.25 -1.85
CA ARG B 25 -4.40 45.04 -1.35
C ARG B 25 -4.37 46.42 -2.01
N HIS B 26 -5.41 46.76 -2.76
CA HIS B 26 -5.49 48.05 -3.45
C HIS B 26 -6.46 49.02 -2.79
N GLN B 27 -6.28 50.32 -3.07
CA GLN B 27 -7.31 51.33 -2.82
C GLN B 27 -7.45 52.21 -4.06
N ASN B 28 -8.68 52.37 -4.51
CA ASN B 28 -8.94 52.83 -5.88
C ASN B 28 -9.96 53.96 -5.97
N SER B 29 -10.74 53.93 -7.05
CA SER B 29 -11.94 54.76 -7.17
C SER B 29 -13.20 53.99 -6.73
N GLU B 30 -13.33 52.72 -7.18
CA GLU B 30 -14.47 51.83 -6.88
C GLU B 30 -14.60 51.34 -5.41
N GLY B 31 -13.49 51.13 -4.71
CA GLY B 31 -13.51 50.60 -3.35
C GLY B 31 -12.14 50.25 -2.82
N THR B 32 -12.07 49.18 -2.02
CA THR B 32 -10.81 48.55 -1.58
C THR B 32 -10.84 47.01 -1.54
N GLY B 33 -9.90 46.37 -2.23
CA GLY B 33 -9.92 44.93 -2.41
C GLY B 33 -8.67 44.17 -1.99
N GLN B 34 -8.84 42.86 -1.77
CA GLN B 34 -7.72 42.00 -1.38
C GLN B 34 -7.75 40.67 -2.13
N ALA B 35 -6.74 40.45 -2.96
CA ALA B 35 -6.62 39.19 -3.71
C ALA B 35 -5.20 38.63 -3.63
N ALA B 36 -5.10 37.33 -3.36
CA ALA B 36 -3.82 36.65 -3.17
C ALA B 36 -3.18 36.18 -4.49
N ASP B 37 -1.87 36.38 -4.63
CA ASP B 37 -1.15 35.89 -5.81
C ASP B 37 -0.81 34.40 -5.64
N LEU B 38 -1.11 33.60 -6.66
CA LEU B 38 -1.05 32.16 -6.51
C LEU B 38 0.30 31.54 -6.86
N LYS B 39 0.94 32.05 -7.92
CA LYS B 39 2.16 31.46 -8.45
C LYS B 39 3.30 31.58 -7.45
N SER B 40 3.47 32.78 -6.90
CA SER B 40 4.47 33.01 -5.88
C SER B 40 4.22 32.18 -4.61
N THR B 41 2.96 31.97 -4.27
CA THR B 41 2.60 31.15 -3.13
C THR B 41 3.03 29.71 -3.40
N GLN B 42 2.85 29.33 -4.66
CA GLN B 42 2.97 27.94 -5.11
C GLN B 42 4.46 27.62 -5.15
N ALA B 43 5.26 28.62 -5.50
CA ALA B 43 6.72 28.53 -5.54
C ALA B 43 7.34 28.36 -4.14
N ALA B 44 6.77 29.04 -3.15
CA ALA B 44 7.27 28.95 -1.80
C ALA B 44 6.84 27.62 -1.17
N ILE B 45 5.62 27.20 -1.49
CA ILE B 45 5.09 25.93 -1.04
C ILE B 45 5.84 24.76 -1.69
N ASP B 46 6.09 24.87 -2.99
CA ASP B 46 6.81 23.84 -3.74
C ASP B 46 8.20 23.56 -3.16
N GLN B 47 8.89 24.63 -2.76
CA GLN B 47 10.20 24.48 -2.14
C GLN B 47 10.14 23.79 -0.78
N ILE B 48 9.40 24.39 0.16
CA ILE B 48 9.24 23.84 1.51
C ILE B 48 8.77 22.39 1.47
N ASN B 49 8.01 22.06 0.43
CA ASN B 49 7.57 20.69 0.21
C ASN B 49 8.73 19.78 -0.18
N GLY B 50 9.52 20.21 -1.16
CA GLY B 50 10.67 19.43 -1.59
C GLY B 50 11.62 19.19 -0.44
N LYS B 51 11.75 20.22 0.39
CA LYS B 51 12.49 20.16 1.65
C LYS B 51 12.06 18.95 2.48
N LEU B 52 10.77 18.90 2.79
CA LEU B 52 10.20 17.82 3.58
C LEU B 52 10.53 16.46 2.98
N ASN B 53 10.37 16.36 1.66
CA ASN B 53 10.69 15.13 0.94
C ASN B 53 12.10 14.60 1.18
N ARG B 54 13.01 15.50 1.55
CA ARG B 54 14.41 15.15 1.73
C ARG B 54 14.69 14.66 3.14
N VAL B 55 13.91 15.16 4.09
CA VAL B 55 14.10 14.87 5.50
C VAL B 55 13.31 13.62 5.97
N ILE B 56 12.08 13.49 5.48
CA ILE B 56 11.26 12.34 5.78
C ILE B 56 11.69 11.15 4.93
N GLU B 57 12.53 11.42 3.93
CA GLU B 57 12.99 10.37 3.02
C GLU B 57 13.56 9.17 3.78
N LYS B 58 12.61 8.35 4.23
CA LYS B 58 12.90 7.10 4.88
C LYS B 58 14.18 7.06 5.68
N THR B 59 14.41 5.88 6.21
CA THR B 59 15.30 5.63 7.29
C THR B 59 16.19 4.49 6.91
N ASN B 60 17.00 4.06 7.86
CA ASN B 60 17.93 2.98 7.60
C ASN B 60 17.59 1.76 8.42
N GLU B 61 17.50 0.63 7.75
CA GLU B 61 17.15 -0.61 8.40
C GLU B 61 18.31 -1.12 9.18
N LYS B 62 18.06 -1.50 10.42
CA LYS B 62 19.09 -2.07 11.24
C LYS B 62 18.44 -3.05 12.16
N PHE B 63 19.00 -4.25 12.23
CA PHE B 63 18.37 -5.35 12.92
C PHE B 63 19.08 -5.76 14.16
N HIS B 64 19.96 -6.73 14.02
CA HIS B 64 20.70 -7.20 15.17
C HIS B 64 21.93 -6.35 15.41
N GLN B 65 21.93 -5.62 16.50
CA GLN B 65 22.98 -4.67 16.81
C GLN B 65 23.85 -5.10 17.94
N ILE B 66 24.01 -4.24 18.92
CA ILE B 66 24.74 -4.62 20.12
C ILE B 66 23.82 -4.35 21.32
N GLU B 67 24.25 -4.79 22.50
CA GLU B 67 23.39 -4.59 23.65
C GLU B 67 23.66 -3.24 24.23
N LYS B 68 22.64 -2.62 24.76
CA LYS B 68 22.79 -1.24 25.18
C LYS B 68 22.34 -1.04 26.64
N GLU B 69 21.82 -2.10 27.23
CA GLU B 69 21.55 -2.11 28.65
C GLU B 69 22.17 -3.35 29.29
N PHE B 70 22.48 -3.27 30.59
CA PHE B 70 23.20 -4.36 31.23
C PHE B 70 22.76 -4.61 32.66
N SER B 71 22.83 -5.86 33.11
CA SER B 71 22.46 -6.17 34.48
C SER B 71 23.63 -6.20 35.47
N GLU B 72 24.84 -6.47 34.97
CA GLU B 72 25.98 -6.71 35.85
C GLU B 72 27.19 -5.87 35.48
N VAL B 73 27.95 -5.45 36.47
CA VAL B 73 29.21 -4.75 36.21
C VAL B 73 30.19 -5.71 35.52
N GLU B 74 30.93 -5.23 34.53
CA GLU B 74 31.86 -6.11 33.82
C GLU B 74 33.19 -5.45 33.46
N GLY B 75 33.29 -4.13 33.65
CA GLY B 75 34.52 -3.43 33.29
C GLY B 75 34.72 -3.20 31.79
N ARG B 76 35.96 -3.38 31.35
CA ARG B 76 36.46 -2.94 30.04
C ARG B 76 35.47 -3.00 28.85
N ILE B 77 34.93 -4.19 28.57
CA ILE B 77 34.05 -4.38 27.42
C ILE B 77 32.71 -3.66 27.56
N GLN B 78 32.14 -3.67 28.76
CA GLN B 78 30.91 -2.93 28.99
C GLN B 78 31.19 -1.44 28.79
N ASP B 79 32.33 -1.01 29.32
CA ASP B 79 32.75 0.38 29.16
C ASP B 79 32.80 0.78 27.68
N LEU B 80 33.44 -0.06 26.87
CA LEU B 80 33.54 0.20 25.43
C LEU B 80 32.17 0.20 24.75
N GLU B 81 31.36 -0.83 25.03
CA GLU B 81 30.02 -0.95 24.44
C GLU B 81 29.20 0.30 24.77
N LYS B 82 29.38 0.85 25.98
CA LYS B 82 28.66 2.05 26.39
C LYS B 82 29.16 3.28 25.64
N TYR B 83 30.47 3.51 25.70
CA TYR B 83 31.11 4.65 25.07
C TYR B 83 30.79 4.74 23.58
N VAL B 84 30.79 3.59 22.90
CA VAL B 84 30.49 3.55 21.48
C VAL B 84 29.09 4.08 21.19
N GLU B 85 28.08 3.58 21.89
CA GLU B 85 26.71 4.05 21.71
C GLU B 85 26.55 5.51 22.12
N ASP B 86 27.23 5.92 23.19
CA ASP B 86 27.12 7.29 23.68
C ASP B 86 27.67 8.28 22.63
N THR B 87 28.84 7.95 22.09
CA THR B 87 29.45 8.71 21.02
C THR B 87 28.50 8.87 19.83
N LYS B 88 27.92 7.77 19.39
CA LYS B 88 26.96 7.75 18.28
C LYS B 88 25.78 8.69 18.52
N ILE B 89 25.21 8.64 19.73
CA ILE B 89 24.04 9.46 20.05
C ILE B 89 24.38 10.96 20.08
N ASP B 90 25.51 11.31 20.70
CA ASP B 90 26.03 12.68 20.65
C ASP B 90 26.19 13.19 19.23
N LEU B 91 26.62 12.31 18.32
CA LEU B 91 26.88 12.71 16.94
C LEU B 91 25.59 12.89 16.14
N TRP B 92 24.64 11.97 16.27
CA TRP B 92 23.36 12.14 15.58
C TRP B 92 22.54 13.24 16.24
N SER B 93 22.77 13.51 17.52
CA SER B 93 22.08 14.61 18.17
C SER B 93 22.52 15.96 17.59
N TYR B 94 23.82 16.15 17.47
CA TYR B 94 24.35 17.37 16.86
C TYR B 94 23.83 17.52 15.44
N ASN B 95 23.92 16.44 14.65
CA ASN B 95 23.42 16.46 13.29
C ASN B 95 21.96 16.92 13.22
N ALA B 96 21.13 16.38 14.11
CA ALA B 96 19.73 16.75 14.13
C ALA B 96 19.54 18.22 14.49
N GLU B 97 20.30 18.69 15.48
CA GLU B 97 20.22 20.07 15.95
C GLU B 97 20.69 21.06 14.89
N LEU B 98 21.67 20.66 14.09
CA LEU B 98 22.18 21.50 13.01
C LEU B 98 21.23 21.47 11.83
N LEU B 99 20.62 20.32 11.59
CA LEU B 99 19.73 20.15 10.44
C LEU B 99 18.55 21.11 10.47
N VAL B 100 17.80 21.13 11.57
CA VAL B 100 16.64 22.01 11.67
C VAL B 100 17.06 23.47 11.59
N ALA B 101 18.23 23.80 12.14
CA ALA B 101 18.71 25.18 12.17
C ALA B 101 18.96 25.70 10.75
N LEU B 102 19.67 24.91 9.94
CA LEU B 102 19.94 25.30 8.56
C LEU B 102 18.66 25.31 7.77
N GLU B 103 17.93 24.20 7.81
CA GLU B 103 16.69 24.07 7.06
C GLU B 103 15.76 25.25 7.36
N ASN B 104 15.73 25.68 8.61
CA ASN B 104 14.84 26.76 9.01
C ASN B 104 15.30 28.14 8.57
N GLN B 105 16.59 28.42 8.76
CA GLN B 105 17.20 29.66 8.29
C GLN B 105 16.99 29.82 6.80
N HIS B 106 17.19 28.73 6.07
CA HIS B 106 17.01 28.74 4.62
C HIS B 106 15.53 28.84 4.25
N THR B 107 14.68 28.20 5.05
CA THR B 107 13.22 28.30 4.84
C THR B 107 12.78 29.75 4.93
N ILE B 108 13.12 30.38 6.05
CA ILE B 108 12.84 31.80 6.24
C ILE B 108 13.46 32.65 5.11
N ASP B 109 14.76 32.45 4.86
CA ASP B 109 15.46 33.10 3.75
C ASP B 109 14.72 33.03 2.42
N LEU B 110 14.19 31.85 2.09
CA LEU B 110 13.58 31.69 0.77
C LEU B 110 12.19 32.31 0.72
N THR B 111 11.51 32.38 1.86
CA THR B 111 10.15 32.92 1.87
C THR B 111 10.09 34.45 1.82
N ASP B 112 11.10 35.15 2.31
CA ASP B 112 11.06 36.58 2.17
C ASP B 112 11.73 37.00 0.85
N SER B 113 12.64 36.18 0.34
CA SER B 113 13.15 36.38 -1.01
C SER B 113 12.03 36.27 -2.03
N GLU B 114 11.02 35.47 -1.73
CA GLU B 114 9.93 35.25 -2.67
C GLU B 114 9.01 36.47 -2.73
N MET B 115 8.97 37.21 -1.63
CA MET B 115 8.29 38.50 -1.63
C MET B 115 9.04 39.50 -2.50
N ASN B 116 10.35 39.62 -2.29
CA ASN B 116 11.16 40.55 -3.07
C ASN B 116 11.23 40.24 -4.56
N LYS B 117 10.70 39.10 -5.01
CA LYS B 117 10.65 38.88 -6.45
C LYS B 117 9.24 39.12 -6.98
N LEU B 118 8.25 39.09 -6.09
CA LEU B 118 6.89 39.52 -6.42
C LEU B 118 6.82 41.05 -6.55
N PHE B 119 7.38 41.72 -5.56
CA PHE B 119 7.46 43.17 -5.55
C PHE B 119 8.30 43.67 -6.72
N GLU B 120 9.43 43.01 -7.00
CA GLU B 120 10.26 43.43 -8.13
C GLU B 120 9.58 43.12 -9.45
N LYS B 121 8.66 42.15 -9.48
CA LYS B 121 7.94 41.83 -10.71
C LYS B 121 6.94 42.94 -10.99
N THR B 122 6.29 43.43 -9.94
CA THR B 122 5.30 44.49 -10.06
C THR B 122 5.93 45.81 -10.52
N ARG B 123 7.04 46.21 -9.89
CA ARG B 123 7.74 47.44 -10.26
C ARG B 123 8.11 47.47 -11.75
N ARG B 124 8.46 46.31 -12.31
CA ARG B 124 8.87 46.25 -13.70
C ARG B 124 7.66 46.32 -14.64
N GLN B 125 6.47 46.06 -14.11
CA GLN B 125 5.24 46.26 -14.87
C GLN B 125 4.89 47.75 -15.04
N LEU B 126 4.83 48.48 -13.92
CA LEU B 126 4.40 49.87 -13.91
C LEU B 126 5.48 50.83 -14.36
N ARG B 127 6.21 50.43 -15.39
CA ARG B 127 7.47 51.06 -15.73
C ARG B 127 7.62 52.37 -15.01
N GLU B 128 7.04 53.43 -15.53
CA GLU B 128 7.13 54.70 -14.80
C GLU B 128 5.79 55.40 -14.65
N ASN B 129 4.71 54.61 -14.58
CA ASN B 129 3.39 55.13 -14.26
C ASN B 129 3.10 55.09 -12.75
N ALA B 130 4.15 54.85 -11.95
CA ALA B 130 4.01 54.83 -10.49
C ALA B 130 5.34 55.06 -9.79
N GLU B 131 5.25 55.49 -8.54
CA GLU B 131 6.40 55.60 -7.66
C GLU B 131 6.12 54.73 -6.45
N GLU B 132 7.19 54.30 -5.77
CA GLU B 132 7.04 53.44 -4.62
C GLU B 132 7.16 54.25 -3.35
N MET B 133 6.16 54.14 -2.49
CA MET B 133 6.09 54.94 -1.29
C MET B 133 7.16 54.54 -0.26
N GLY B 134 7.48 53.26 -0.22
CA GLY B 134 8.49 52.73 0.67
C GLY B 134 7.78 51.86 1.70
N ASN B 135 6.51 51.61 1.41
CA ASN B 135 5.54 51.11 2.35
C ASN B 135 5.35 49.62 2.06
N GLY B 136 5.78 49.22 0.88
CA GLY B 136 5.54 47.89 0.38
C GLY B 136 4.36 48.11 -0.54
N CYS B 137 4.18 49.40 -0.81
CA CYS B 137 3.10 49.90 -1.63
C CYS B 137 3.57 50.86 -2.73
N PHE B 138 2.72 50.97 -3.74
CA PHE B 138 2.92 51.80 -4.90
C PHE B 138 1.86 52.89 -4.94
N LYS B 139 2.27 54.15 -5.17
CA LYS B 139 1.30 55.18 -5.56
C LYS B 139 1.20 55.15 -7.07
N ILE B 140 0.03 54.74 -7.54
CA ILE B 140 -0.30 54.73 -8.96
C ILE B 140 -0.84 56.09 -9.37
N TYR B 141 -0.21 56.71 -10.36
CA TYR B 141 -0.58 58.06 -10.76
C TYR B 141 -1.53 58.07 -11.95
N HIS B 142 -2.57 57.24 -11.89
CA HIS B 142 -3.60 57.24 -12.91
C HIS B 142 -4.85 56.48 -12.46
N LYS B 143 -6.01 56.93 -12.93
CA LYS B 143 -7.28 56.27 -12.68
C LYS B 143 -7.15 54.75 -12.90
N CYS B 144 -7.61 53.97 -11.94
CA CYS B 144 -7.38 52.52 -12.01
C CYS B 144 -8.46 51.73 -11.28
N ASP B 145 -9.52 51.42 -12.02
CA ASP B 145 -10.65 50.68 -11.46
C ASP B 145 -10.30 49.23 -11.15
N ASN B 146 -11.26 48.52 -10.56
CA ASN B 146 -11.10 47.11 -10.18
C ASN B 146 -10.73 46.22 -11.37
N ALA B 147 -10.95 46.72 -12.57
CA ALA B 147 -10.58 46.00 -13.76
C ALA B 147 -9.12 46.26 -14.09
N CYS B 148 -8.65 47.43 -13.69
CA CYS B 148 -7.30 47.86 -14.04
C CYS B 148 -6.25 47.18 -13.18
N ILE B 149 -6.49 47.11 -11.87
CA ILE B 149 -5.51 46.52 -10.96
C ILE B 149 -5.43 45.00 -11.14
N GLU B 150 -6.55 44.38 -11.49
CA GLU B 150 -6.57 42.95 -11.76
C GLU B 150 -5.79 42.65 -13.05
N SER B 151 -5.60 43.67 -13.88
CA SER B 151 -4.71 43.52 -15.02
C SER B 151 -3.26 43.52 -14.54
N ILE B 152 -3.02 44.14 -13.39
CA ILE B 152 -1.70 44.14 -12.77
C ILE B 152 -1.48 42.79 -12.08
N ARG B 153 -2.51 42.35 -11.35
CA ARG B 153 -2.51 41.06 -10.67
C ARG B 153 -2.29 39.92 -11.67
N ASN B 154 -3.17 39.81 -12.66
CA ASN B 154 -3.06 38.78 -13.71
C ASN B 154 -1.93 39.04 -14.70
N GLY B 155 -1.02 39.96 -14.37
CA GLY B 155 0.14 40.23 -15.19
C GLY B 155 -0.13 40.87 -16.54
N THR B 156 -1.41 41.10 -16.83
CA THR B 156 -1.84 41.61 -18.14
C THR B 156 -2.05 43.12 -18.16
N TYR B 157 -0.99 43.88 -17.85
CA TYR B 157 -1.08 45.34 -17.79
C TYR B 157 -0.13 46.01 -18.80
N ASP B 158 -0.66 46.91 -19.61
CA ASP B 158 0.20 47.66 -20.53
C ASP B 158 0.38 49.09 -20.03
N HIS B 159 1.63 49.55 -20.03
CA HIS B 159 1.94 50.83 -19.42
C HIS B 159 1.81 52.00 -20.41
N ASP B 160 2.03 51.73 -21.70
CA ASP B 160 1.95 52.75 -22.75
C ASP B 160 0.56 53.39 -22.85
N VAL B 161 -0.44 52.64 -22.39
CA VAL B 161 -1.81 53.12 -22.29
C VAL B 161 -1.94 54.28 -21.31
N TYR B 162 -1.49 54.05 -20.08
CA TYR B 162 -1.64 55.04 -19.01
C TYR B 162 -0.38 55.88 -18.86
N ARG B 163 0.56 55.72 -19.78
CA ARG B 163 1.89 56.34 -19.68
C ARG B 163 1.84 57.84 -19.79
N ASP B 164 1.24 58.31 -20.89
CA ASP B 164 0.90 59.73 -21.10
C ASP B 164 0.05 60.23 -19.96
N GLU B 165 -0.97 59.45 -19.61
CA GLU B 165 -1.71 59.90 -18.46
C GLU B 165 -0.76 59.86 -17.26
N ALA B 166 -0.08 58.79 -16.87
CA ALA B 166 0.50 58.82 -15.52
C ALA B 166 1.71 59.78 -15.39
N LEU B 167 2.48 59.95 -16.47
CA LEU B 167 3.65 60.85 -16.41
C LEU B 167 3.30 62.30 -15.91
N ASN B 168 2.14 62.81 -16.33
CA ASN B 168 1.46 64.06 -15.91
C ASN B 168 1.35 64.27 -14.41
N ASN B 169 0.74 63.34 -13.70
CA ASN B 169 0.35 63.67 -12.34
C ASN B 169 1.56 63.65 -11.52
N ARG B 170 2.48 62.81 -11.96
CA ARG B 170 3.79 62.66 -11.37
C ARG B 170 4.63 63.93 -11.50
N PHE B 171 4.65 64.54 -12.68
CA PHE B 171 5.58 65.63 -12.94
C PHE B 171 4.94 67.01 -13.15
N GLN B 172 4.92 67.79 -12.06
CA GLN B 172 4.58 69.21 -12.10
C GLN B 172 4.92 69.87 -10.77
N GLN C 1 7.08 -6.48 -0.27
CA GLN C 1 7.18 -5.06 -0.62
C GLN C 1 5.97 -4.26 -0.12
N VAL C 2 5.59 -3.22 -0.85
CA VAL C 2 4.53 -2.32 -0.40
C VAL C 2 3.18 -2.68 -1.00
N GLN C 3 2.15 -2.63 -0.16
CA GLN C 3 0.87 -3.25 -0.44
C GLN C 3 -0.27 -2.39 0.12
N LEU C 4 -1.38 -2.35 -0.60
CA LEU C 4 -2.58 -1.66 -0.12
C LEU C 4 -3.75 -2.62 -0.22
N VAL C 5 -4.51 -2.74 0.85
CA VAL C 5 -5.59 -3.73 0.91
C VAL C 5 -6.85 -3.10 1.48
N GLU C 6 -7.83 -2.88 0.63
CA GLU C 6 -9.04 -2.20 1.03
C GLU C 6 -10.08 -3.20 1.51
N SER C 7 -11.01 -2.76 2.35
CA SER C 7 -11.92 -3.64 3.07
C SER C 7 -13.27 -2.98 3.35
N GLY C 8 -14.33 -3.78 3.34
CA GLY C 8 -15.61 -3.35 3.89
C GLY C 8 -16.60 -2.68 2.97
N GLY C 9 -16.67 -3.11 1.71
CA GLY C 9 -17.71 -2.66 0.80
C GLY C 9 -18.88 -3.64 0.80
N GLY C 10 -19.84 -3.41 -0.06
CA GLY C 10 -20.98 -4.30 -0.17
C GLY C 10 -22.23 -3.61 -0.66
N VAL C 11 -23.35 -4.33 -0.62
CA VAL C 11 -24.64 -3.74 -0.94
C VAL C 11 -25.17 -3.00 0.28
N VAL C 12 -25.59 -1.76 0.07
CA VAL C 12 -26.12 -0.97 1.16
C VAL C 12 -27.15 0.00 0.59
N GLN C 13 -28.15 0.34 1.40
CA GLN C 13 -29.27 1.13 0.92
C GLN C 13 -28.95 2.63 0.92
N PRO C 14 -29.62 3.39 0.04
CA PRO C 14 -29.34 4.83 -0.07
C PRO C 14 -29.63 5.57 1.22
N GLY C 15 -28.84 6.59 1.49
CA GLY C 15 -29.02 7.42 2.67
C GLY C 15 -28.21 6.93 3.84
N THR C 16 -27.98 5.62 3.88
CA THR C 16 -27.28 5.02 5.00
C THR C 16 -25.81 5.40 5.01
N SER C 17 -25.10 4.90 6.02
CA SER C 17 -23.69 5.19 6.18
C SER C 17 -22.87 3.89 6.08
N LEU C 18 -21.58 4.04 5.83
CA LEU C 18 -20.69 2.89 5.60
C LEU C 18 -19.24 3.34 5.69
N ARG C 19 -18.41 2.55 6.39
CA ARG C 19 -16.99 2.85 6.51
C ARG C 19 -16.11 1.87 5.73
N LEU C 20 -15.22 2.41 4.91
CA LEU C 20 -14.23 1.63 4.16
C LEU C 20 -12.87 1.73 4.83
N SER C 21 -12.07 0.68 4.71
CA SER C 21 -10.75 0.65 5.34
C SER C 21 -9.67 0.18 4.37
N CYS C 22 -8.44 0.66 4.56
CA CYS C 22 -7.31 0.33 3.70
C CYS C 22 -6.08 0.02 4.53
N GLU C 23 -5.66 -1.25 4.53
CA GLU C 23 -4.50 -1.67 5.32
C GLU C 23 -3.19 -1.45 4.55
N ALA C 24 -2.27 -0.71 5.16
CA ALA C 24 -1.01 -0.42 4.50
C ALA C 24 0.12 -1.33 5.00
N SER C 25 0.70 -2.11 4.08
CA SER C 25 1.83 -2.98 4.39
C SER C 25 3.04 -2.69 3.49
N GLY C 26 4.20 -2.47 4.09
CA GLY C 26 5.42 -2.28 3.31
C GLY C 26 6.05 -0.92 3.52
N PHE C 27 5.36 -0.07 4.28
CA PHE C 27 5.74 1.33 4.45
C PHE C 27 4.92 1.96 5.56
N THR C 28 5.38 3.08 6.10
CA THR C 28 4.58 3.75 7.12
C THR C 28 3.59 4.71 6.47
N SER C 29 2.31 4.53 6.79
CA SER C 29 1.24 5.36 6.24
C SER C 29 1.42 6.84 6.61
N SER C 30 1.97 7.10 7.80
CA SER C 30 2.15 8.46 8.30
C SER C 30 3.24 9.22 7.55
N ALA C 31 3.96 8.53 6.67
CA ALA C 31 5.08 9.11 5.92
C ALA C 31 4.66 9.53 4.53
N TYR C 32 3.38 9.33 4.23
CA TYR C 32 2.85 9.57 2.90
C TYR C 32 1.50 10.30 2.90
N ALA C 33 1.21 10.99 1.82
CA ALA C 33 -0.14 11.47 1.61
C ALA C 33 -0.92 10.28 1.08
N MET C 34 -2.16 10.14 1.51
CA MET C 34 -2.96 9.01 1.10
C MET C 34 -4.26 9.46 0.43
N HIS C 35 -4.62 8.79 -0.65
CA HIS C 35 -5.80 9.19 -1.41
C HIS C 35 -6.85 8.09 -1.47
N TRP C 36 -8.08 8.51 -1.74
CA TRP C 36 -9.12 7.60 -2.21
C TRP C 36 -9.49 8.02 -3.63
N VAL C 37 -9.62 7.03 -4.51
CA VAL C 37 -9.97 7.24 -5.91
C VAL C 37 -11.02 6.19 -6.28
N ARG C 38 -12.12 6.58 -6.91
CA ARG C 38 -13.18 5.60 -7.20
C ARG C 38 -13.46 5.46 -8.69
N GLN C 39 -14.19 4.41 -9.05
CA GLN C 39 -14.41 4.11 -10.46
C GLN C 39 -15.83 3.54 -10.53
N ALA C 40 -16.83 4.31 -10.97
CA ALA C 40 -18.17 3.73 -11.22
C ALA C 40 -18.03 2.70 -12.34
N PRO C 41 -18.87 1.65 -12.32
CA PRO C 41 -18.76 0.56 -13.31
C PRO C 41 -18.81 1.06 -14.75
N GLY C 42 -17.88 0.60 -15.58
CA GLY C 42 -17.78 1.05 -16.97
C GLY C 42 -17.19 2.44 -17.12
N LYS C 43 -17.42 3.28 -16.12
CA LYS C 43 -16.95 4.67 -16.14
C LYS C 43 -15.43 4.74 -15.90
N GLY C 44 -14.92 5.96 -15.76
CA GLY C 44 -13.49 6.16 -15.54
C GLY C 44 -13.14 6.56 -14.13
N LEU C 45 -11.89 6.94 -13.94
CA LEU C 45 -11.34 7.22 -12.61
C LEU C 45 -11.75 8.60 -12.11
N GLU C 46 -12.09 8.67 -10.83
CA GLU C 46 -12.47 9.92 -10.19
C GLU C 46 -11.81 10.04 -8.83
N TRP C 47 -11.03 11.10 -8.65
CA TRP C 47 -10.43 11.39 -7.35
C TRP C 47 -11.50 11.72 -6.32
N VAL C 48 -11.30 11.30 -5.07
CA VAL C 48 -12.33 11.48 -4.06
C VAL C 48 -11.84 12.22 -2.82
N ALA C 49 -10.69 11.80 -2.29
CA ALA C 49 -10.22 12.37 -1.03
C ALA C 49 -8.71 12.26 -0.85
N VAL C 50 -8.18 13.11 0.02
CA VAL C 50 -6.76 13.10 0.36
C VAL C 50 -6.58 13.42 1.84
N ILE C 51 -5.60 12.76 2.46
CA ILE C 51 -5.16 13.13 3.79
C ILE C 51 -3.63 13.24 3.81
N THR C 52 -3.10 14.36 4.29
CA THR C 52 -1.66 14.54 4.37
C THR C 52 -1.05 13.56 5.38
N PHE C 53 0.25 13.34 5.27
CA PHE C 53 0.99 12.46 6.20
C PHE C 53 0.82 12.93 7.65
N ASP C 54 0.90 14.25 7.84
CA ASP C 54 0.49 14.96 9.05
C ASP C 54 -0.76 14.41 9.72
N GLY C 55 -1.78 14.12 8.90
CA GLY C 55 -3.16 14.04 9.34
C GLY C 55 -3.74 15.45 9.42
N GLY C 56 -2.94 16.44 9.02
CA GLY C 56 -3.22 17.83 9.29
C GLY C 56 -4.24 18.54 8.40
N TYR C 57 -4.27 18.20 7.12
CA TYR C 57 -5.28 18.73 6.20
C TYR C 57 -6.10 17.58 5.59
N GLN C 58 -7.32 17.88 5.16
CA GLN C 58 -8.11 16.98 4.32
C GLN C 58 -8.79 17.78 3.21
N TYR C 59 -8.83 17.23 2.00
CA TYR C 59 -9.53 17.87 0.89
C TYR C 59 -10.32 16.85 0.08
N TYR C 60 -11.49 17.26 -0.40
CA TYR C 60 -12.44 16.36 -1.03
C TYR C 60 -12.92 16.89 -2.37
N ALA C 61 -13.36 15.99 -3.25
CA ALA C 61 -14.01 16.41 -4.48
C ALA C 61 -15.41 16.94 -4.16
N ASP C 62 -15.88 17.91 -4.93
CA ASP C 62 -17.18 18.52 -4.66
C ASP C 62 -18.36 17.52 -4.64
N SER C 63 -18.23 16.41 -5.37
CA SER C 63 -19.31 15.43 -5.47
C SER C 63 -19.51 14.65 -4.16
N VAL C 64 -18.60 14.85 -3.21
CA VAL C 64 -18.71 14.11 -1.95
C VAL C 64 -18.45 14.98 -0.74
N LYS C 65 -18.16 16.24 -0.97
CA LYS C 65 -17.90 17.15 0.14
C LYS C 65 -19.11 17.14 1.02
N GLY C 66 -18.91 17.39 2.31
CA GLY C 66 -20.00 17.37 3.26
C GLY C 66 -20.28 15.97 3.75
N ARG C 67 -20.36 15.03 2.82
CA ARG C 67 -20.82 13.67 3.13
C ARG C 67 -19.71 12.67 3.44
N PHE C 68 -18.52 12.83 2.85
CA PHE C 68 -17.42 11.87 3.03
C PHE C 68 -16.27 12.40 3.88
N THR C 69 -15.94 11.70 4.95
CA THR C 69 -14.76 12.07 5.74
C THR C 69 -13.66 11.01 5.63
N ILE C 70 -12.43 11.48 5.44
CA ILE C 70 -11.26 10.61 5.30
C ILE C 70 -10.38 10.69 6.55
N SER C 71 -9.95 9.53 7.04
CA SER C 71 -9.18 9.48 8.29
C SER C 71 -8.07 8.45 8.26
N ARG C 72 -7.08 8.63 9.13
CA ARG C 72 -6.00 7.66 9.29
C ARG C 72 -5.85 7.31 10.76
N ASP C 73 -5.42 6.07 10.97
CA ASP C 73 -5.13 5.48 12.27
C ASP C 73 -3.65 5.12 12.42
N ILE C 74 -2.81 6.09 12.78
CA ILE C 74 -1.39 5.85 12.87
C ILE C 74 -1.15 4.51 13.56
N SER C 75 -1.91 4.24 14.61
CA SER C 75 -1.57 3.11 15.48
C SER C 75 -1.73 1.74 14.78
N ARG C 76 -2.73 1.63 13.90
CA ARG C 76 -2.96 0.38 13.18
C ARG C 76 -2.46 0.42 11.76
N ASN C 77 -1.78 1.50 11.40
CA ASN C 77 -1.27 1.77 10.04
C ASN C 77 -2.36 1.55 9.00
N THR C 78 -3.55 2.10 9.28
CA THR C 78 -4.72 1.87 8.43
C THR C 78 -5.38 3.20 8.06
N LEU C 79 -6.01 3.20 6.89
CA LEU C 79 -6.65 4.37 6.34
C LEU C 79 -8.16 4.14 6.19
N HIS C 80 -8.97 5.07 6.68
CA HIS C 80 -10.42 4.92 6.58
C HIS C 80 -11.12 5.97 5.72
N LEU C 81 -12.30 5.62 5.24
CA LEU C 81 -13.18 6.57 4.55
C LEU C 81 -14.61 6.42 5.05
N HIS C 82 -15.07 7.40 5.82
CA HIS C 82 -16.41 7.37 6.38
C HIS C 82 -17.39 8.01 5.43
N MET C 83 -18.28 7.19 4.89
CA MET C 83 -19.25 7.66 3.91
C MET C 83 -20.62 7.84 4.56
N ASN C 84 -21.13 9.05 4.51
CA ASN C 84 -22.46 9.31 5.05
C ASN C 84 -23.42 9.63 3.94
N SER C 85 -24.71 9.39 4.19
CA SER C 85 -25.77 9.84 3.32
C SER C 85 -25.55 9.39 1.87
N LEU C 86 -25.18 8.13 1.72
CA LEU C 86 -24.89 7.52 0.43
C LEU C 86 -26.05 7.63 -0.57
N ARG C 87 -25.71 7.50 -1.85
CA ARG C 87 -26.73 7.46 -2.89
C ARG C 87 -26.23 6.67 -4.12
N ALA C 88 -27.13 6.47 -5.08
CA ALA C 88 -26.86 5.57 -6.20
C ALA C 88 -25.67 6.01 -7.06
N GLU C 89 -25.44 7.33 -7.12
CA GLU C 89 -24.34 7.90 -7.90
C GLU C 89 -22.98 7.53 -7.33
N ASP C 90 -22.96 7.17 -6.04
CA ASP C 90 -21.73 6.80 -5.34
C ASP C 90 -21.28 5.38 -5.65
N THR C 91 -22.14 4.62 -6.32
CA THR C 91 -21.85 3.22 -6.63
C THR C 91 -20.58 3.10 -7.51
N ALA C 92 -19.52 2.57 -6.91
CA ALA C 92 -18.21 2.43 -7.57
C ALA C 92 -17.33 1.40 -6.87
N VAL C 93 -16.17 1.10 -7.45
CA VAL C 93 -15.14 0.37 -6.71
C VAL C 93 -14.15 1.43 -6.24
N TYR C 94 -13.82 1.38 -4.95
CA TYR C 94 -13.07 2.45 -4.29
C TYR C 94 -11.61 2.07 -4.03
N TYR C 95 -10.70 2.79 -4.68
CA TYR C 95 -9.28 2.50 -4.54
C TYR C 95 -8.59 3.32 -3.45
N CYS C 96 -7.58 2.71 -2.83
CA CYS C 96 -6.70 3.39 -1.87
C CYS C 96 -5.35 3.59 -2.57
N ALA C 97 -4.82 4.81 -2.62
CA ALA C 97 -3.56 5.02 -3.33
C ALA C 97 -2.54 5.86 -2.54
N ARG C 98 -1.26 5.67 -2.85
CA ARG C 98 -0.19 6.31 -2.09
C ARG C 98 0.46 7.44 -2.88
N ASP C 99 0.83 8.52 -2.19
CA ASP C 99 1.37 9.70 -2.84
C ASP C 99 2.73 10.11 -2.26
N PRO C 100 3.74 9.88 -3.06
CA PRO C 100 5.12 10.05 -2.66
C PRO C 100 5.55 11.46 -2.76
N LEU C 101 4.66 12.37 -3.11
CA LEU C 101 5.07 13.73 -3.35
C LEU C 101 4.40 14.71 -2.41
N THR C 102 3.09 14.77 -2.48
CA THR C 102 2.36 15.66 -1.63
C THR C 102 2.81 15.46 -0.21
N LYS C 103 3.35 16.51 0.39
CA LYS C 103 3.70 16.47 1.79
C LYS C 103 3.08 17.66 2.43
N LEU C 104 3.50 18.81 2.01
CA LEU C 104 2.87 20.08 2.40
C LEU C 104 1.76 20.48 1.43
N LEU C 105 0.58 20.75 1.97
CA LEU C 105 -0.62 20.99 1.20
C LEU C 105 -1.62 21.83 2.01
N PRO C 106 -1.47 23.16 2.00
CA PRO C 106 -2.22 23.99 2.94
C PRO C 106 -3.43 24.71 2.35
N PHE C 107 -3.73 24.49 1.07
CA PHE C 107 -4.92 25.03 0.43
C PHE C 107 -5.52 23.99 -0.50
N ASP C 108 -6.78 24.19 -0.88
CA ASP C 108 -7.47 23.20 -1.68
C ASP C 108 -7.13 23.33 -3.17
N TRP C 109 -6.22 24.24 -3.50
CA TRP C 109 -5.93 24.56 -4.90
C TRP C 109 -4.43 24.44 -5.27
N VAL C 110 -3.63 23.99 -4.31
CA VAL C 110 -2.18 23.77 -4.48
C VAL C 110 -1.88 22.46 -5.21
N SER C 111 -0.65 22.30 -5.68
CA SER C 111 -0.18 21.06 -6.32
C SER C 111 -0.22 19.88 -5.36
N GLY C 112 -0.54 18.72 -5.91
CA GLY C 112 -0.45 17.49 -5.15
C GLY C 112 0.64 16.58 -5.68
N GLY C 113 0.26 15.35 -6.02
CA GLY C 113 1.21 14.38 -6.51
C GLY C 113 0.58 13.26 -7.28
N TYR C 114 1.41 12.32 -7.73
CA TYR C 114 0.96 11.17 -8.48
C TYR C 114 0.74 9.95 -7.58
N PHE C 115 0.04 8.95 -8.09
CA PHE C 115 -0.29 7.78 -7.28
C PHE C 115 0.67 6.63 -7.57
N ASP C 116 1.57 6.46 -6.63
CA ASP C 116 2.63 5.47 -6.66
C ASP C 116 2.10 4.04 -6.70
N TYR C 117 1.52 3.61 -5.58
CA TYR C 117 0.97 2.27 -5.49
C TYR C 117 -0.52 2.32 -5.33
N TRP C 118 -1.19 1.29 -5.81
CA TRP C 118 -2.63 1.17 -5.70
C TRP C 118 -3.01 -0.15 -5.01
N GLY C 119 -4.04 -0.11 -4.17
CA GLY C 119 -4.69 -1.32 -3.69
C GLY C 119 -5.36 -2.04 -4.85
N GLN C 120 -6.27 -2.97 -4.58
CA GLN C 120 -6.93 -3.68 -5.68
C GLN C 120 -8.43 -3.36 -5.79
N GLY C 121 -8.98 -2.72 -4.76
CA GLY C 121 -10.35 -2.27 -4.79
C GLY C 121 -11.37 -3.03 -3.95
N THR C 122 -12.36 -2.29 -3.45
CA THR C 122 -13.52 -2.86 -2.77
C THR C 122 -14.81 -2.23 -3.33
N LEU C 123 -15.81 -3.06 -3.63
CA LEU C 123 -17.00 -2.63 -4.37
C LEU C 123 -18.12 -2.11 -3.49
N VAL C 124 -18.61 -0.91 -3.79
CA VAL C 124 -19.74 -0.34 -3.08
C VAL C 124 -20.95 -0.24 -4.01
N THR C 125 -21.95 -1.08 -3.76
CA THR C 125 -23.18 -1.04 -4.53
C THR C 125 -24.26 -0.36 -3.69
N VAL C 126 -24.64 0.85 -4.07
CA VAL C 126 -25.68 1.59 -3.35
C VAL C 126 -27.00 1.54 -4.10
N SER C 127 -27.96 0.79 -3.55
CA SER C 127 -29.21 0.52 -4.24
C SER C 127 -30.30 0.19 -3.22
N SER C 128 -31.55 0.47 -3.59
CA SER C 128 -32.70 0.19 -2.74
C SER C 128 -33.15 -1.26 -2.89
N ALA C 129 -32.84 -1.84 -4.05
CA ALA C 129 -33.24 -3.20 -4.40
C ALA C 129 -32.92 -4.21 -3.32
N SER C 130 -33.75 -5.25 -3.21
CA SER C 130 -33.49 -6.36 -2.29
C SER C 130 -32.92 -7.56 -3.06
N THR C 131 -32.23 -8.43 -2.34
CA THR C 131 -31.59 -9.58 -2.94
C THR C 131 -32.60 -10.52 -3.59
N LYS C 132 -32.65 -10.52 -4.92
CA LYS C 132 -33.52 -11.44 -5.67
C LYS C 132 -32.67 -12.50 -6.40
N GLY C 133 -33.22 -13.69 -6.58
CA GLY C 133 -32.57 -14.72 -7.36
C GLY C 133 -32.98 -14.67 -8.82
N PRO C 134 -32.05 -15.00 -9.73
CA PRO C 134 -32.28 -14.95 -11.18
C PRO C 134 -33.34 -15.94 -11.64
N SER C 135 -34.09 -15.56 -12.68
CA SER C 135 -34.95 -16.50 -13.36
C SER C 135 -34.31 -16.84 -14.69
N VAL C 136 -33.91 -18.09 -14.85
CA VAL C 136 -33.20 -18.50 -16.04
C VAL C 136 -34.13 -19.04 -17.13
N PHE C 137 -34.10 -18.39 -18.28
CA PHE C 137 -34.94 -18.79 -19.40
C PHE C 137 -34.08 -19.14 -20.60
N PRO C 138 -34.53 -20.13 -21.40
CA PRO C 138 -33.78 -20.60 -22.57
C PRO C 138 -33.87 -19.69 -23.79
N LEU C 139 -32.88 -19.82 -24.67
CA LEU C 139 -32.92 -19.18 -25.98
C LEU C 139 -32.70 -20.26 -27.04
N ALA C 140 -33.80 -20.78 -27.57
CA ALA C 140 -33.79 -21.93 -28.49
C ALA C 140 -33.19 -21.61 -29.86
N PRO C 141 -32.55 -22.62 -30.49
CA PRO C 141 -31.96 -22.55 -31.83
C PRO C 141 -32.99 -22.68 -32.96
N SER C 142 -32.63 -22.18 -34.15
CA SER C 142 -33.54 -22.14 -35.29
C SER C 142 -33.22 -23.20 -36.35
N GLY C 148 -29.92 -21.71 -40.23
CA GLY C 148 -28.77 -20.96 -40.71
C GLY C 148 -27.74 -21.92 -41.25
N GLY C 149 -26.49 -21.48 -41.33
CA GLY C 149 -25.40 -22.40 -41.66
C GLY C 149 -25.34 -23.42 -40.55
N THR C 150 -25.05 -22.91 -39.36
CA THR C 150 -24.86 -23.72 -38.16
C THR C 150 -25.05 -22.87 -36.89
N ALA C 151 -26.18 -23.11 -36.21
CA ALA C 151 -26.86 -22.12 -35.38
C ALA C 151 -26.40 -22.05 -33.91
N ALA C 152 -27.11 -21.21 -33.14
CA ALA C 152 -26.70 -20.78 -31.82
C ALA C 152 -27.82 -20.87 -30.77
N LEU C 153 -27.44 -20.82 -29.49
CA LEU C 153 -28.40 -20.93 -28.39
C LEU C 153 -27.83 -20.28 -27.13
N GLY C 154 -28.63 -20.21 -26.07
CA GLY C 154 -28.17 -19.62 -24.84
C GLY C 154 -29.18 -19.51 -23.72
N CYS C 155 -28.79 -18.82 -22.64
CA CYS C 155 -29.67 -18.58 -21.51
C CYS C 155 -29.90 -17.09 -21.26
N LEU C 156 -31.14 -16.75 -20.95
CA LEU C 156 -31.46 -15.43 -20.46
C LEU C 156 -31.56 -15.49 -18.93
N VAL C 157 -30.75 -14.67 -18.27
CA VAL C 157 -30.70 -14.61 -16.82
C VAL C 157 -31.29 -13.28 -16.34
N LYS C 158 -32.60 -13.27 -16.08
CA LYS C 158 -33.32 -12.02 -15.84
C LYS C 158 -33.62 -11.79 -14.37
N ASP C 159 -33.70 -10.50 -14.01
CA ASP C 159 -34.20 -10.04 -12.72
C ASP C 159 -33.52 -10.66 -11.51
N TYR C 160 -32.28 -10.25 -11.27
CA TYR C 160 -31.54 -10.68 -10.10
C TYR C 160 -30.84 -9.49 -9.46
N PHE C 161 -30.53 -9.62 -8.17
CA PHE C 161 -29.79 -8.60 -7.44
C PHE C 161 -29.15 -9.18 -6.18
N PRO C 162 -27.89 -8.80 -5.91
CA PRO C 162 -27.03 -7.96 -6.75
C PRO C 162 -26.10 -8.77 -7.66
N GLU C 163 -25.21 -8.09 -8.35
CA GLU C 163 -24.09 -8.74 -9.01
C GLU C 163 -23.21 -9.41 -7.96
N PRO C 164 -22.49 -10.48 -8.33
CA PRO C 164 -22.46 -11.07 -9.67
C PRO C 164 -23.10 -12.44 -9.74
N VAL C 165 -23.44 -12.84 -10.96
CA VAL C 165 -23.77 -14.21 -11.23
C VAL C 165 -22.57 -14.81 -11.97
N THR C 166 -22.51 -16.13 -12.01
CA THR C 166 -21.55 -16.82 -12.87
C THR C 166 -22.33 -17.76 -13.78
N VAL C 167 -21.90 -17.88 -15.03
CA VAL C 167 -22.52 -18.81 -15.96
C VAL C 167 -21.45 -19.76 -16.52
N SER C 168 -21.77 -21.05 -16.59
CA SER C 168 -20.92 -21.97 -17.33
C SER C 168 -21.82 -22.86 -18.17
N TRP C 169 -21.21 -23.61 -19.08
CA TRP C 169 -21.95 -24.50 -19.98
C TRP C 169 -21.41 -25.92 -19.92
N ASN C 170 -22.28 -26.89 -19.60
CA ASN C 170 -21.86 -28.28 -19.35
C ASN C 170 -20.81 -28.34 -18.24
N SER C 171 -21.00 -27.50 -17.23
CA SER C 171 -20.12 -27.42 -16.07
C SER C 171 -18.64 -27.17 -16.39
N GLY C 172 -18.37 -26.43 -17.46
CA GLY C 172 -17.02 -26.01 -17.80
C GLY C 172 -16.45 -26.72 -19.01
N ALA C 173 -17.20 -27.72 -19.48
CA ALA C 173 -16.76 -28.56 -20.60
C ALA C 173 -16.78 -27.79 -21.90
N LEU C 174 -17.60 -26.74 -21.92
CA LEU C 174 -17.83 -25.93 -23.11
C LEU C 174 -17.35 -24.50 -22.87
N THR C 175 -16.21 -24.14 -23.45
CA THR C 175 -15.70 -22.78 -23.30
C THR C 175 -15.60 -22.07 -24.65
N SER C 176 -15.01 -22.71 -25.65
CA SER C 176 -14.87 -22.06 -26.96
C SER C 176 -16.22 -21.76 -27.61
N GLY C 177 -16.35 -20.54 -28.13
CA GLY C 177 -17.56 -20.10 -28.80
C GLY C 177 -18.62 -19.54 -27.86
N VAL C 178 -18.23 -19.22 -26.63
CA VAL C 178 -19.16 -18.73 -25.62
C VAL C 178 -19.00 -17.23 -25.39
N HIS C 179 -20.13 -16.51 -25.36
CA HIS C 179 -20.16 -15.10 -24.98
C HIS C 179 -21.17 -14.83 -23.88
N THR C 180 -20.67 -14.38 -22.72
CA THR C 180 -21.55 -13.96 -21.64
C THR C 180 -21.47 -12.44 -21.45
N PHE C 181 -22.57 -11.76 -21.77
CA PHE C 181 -22.58 -10.31 -21.84
C PHE C 181 -22.68 -9.65 -20.48
N PRO C 182 -22.07 -8.47 -20.34
CA PRO C 182 -22.22 -7.69 -19.11
C PRO C 182 -23.69 -7.51 -18.75
N ALA C 183 -23.99 -7.59 -17.46
CA ALA C 183 -25.36 -7.44 -16.99
C ALA C 183 -25.77 -5.98 -17.06
N VAL C 184 -26.99 -5.74 -17.53
CA VAL C 184 -27.53 -4.39 -17.57
C VAL C 184 -28.51 -4.20 -16.41
N LEU C 185 -28.59 -2.97 -15.91
CA LEU C 185 -29.56 -2.63 -14.88
C LEU C 185 -30.90 -2.29 -15.52
N GLN C 186 -31.92 -3.09 -15.21
CA GLN C 186 -33.27 -2.78 -15.64
C GLN C 186 -33.79 -1.60 -14.83
N SER C 187 -34.90 -0.99 -15.27
CA SER C 187 -35.45 0.15 -14.54
C SER C 187 -36.06 -0.32 -13.22
N SER C 188 -36.43 -1.59 -13.16
CA SER C 188 -36.88 -2.23 -11.91
C SER C 188 -35.81 -2.17 -10.81
N GLY C 189 -34.56 -1.94 -11.21
CA GLY C 189 -33.46 -1.89 -10.28
C GLY C 189 -32.74 -3.23 -10.20
N LEU C 190 -33.27 -4.21 -10.93
CA LEU C 190 -32.70 -5.55 -10.97
C LEU C 190 -31.85 -5.74 -12.22
N TYR C 191 -30.84 -6.61 -12.11
CA TYR C 191 -29.94 -6.86 -13.22
C TYR C 191 -30.51 -7.90 -14.17
N SER C 192 -29.92 -8.00 -15.34
CA SER C 192 -30.25 -9.06 -16.27
C SER C 192 -29.16 -9.20 -17.32
N LEU C 193 -28.79 -10.44 -17.63
CA LEU C 193 -27.82 -10.67 -18.69
C LEU C 193 -28.16 -11.85 -19.58
N SER C 194 -27.35 -12.03 -20.62
CA SER C 194 -27.48 -13.14 -21.53
C SER C 194 -26.14 -13.84 -21.70
N SER C 195 -26.22 -15.15 -21.83
CA SER C 195 -25.05 -15.95 -22.21
C SER C 195 -25.44 -16.74 -23.46
N VAL C 196 -24.61 -16.66 -24.51
CA VAL C 196 -24.88 -17.41 -25.73
C VAL C 196 -23.66 -18.21 -26.22
N VAL C 197 -23.92 -19.21 -27.07
CA VAL C 197 -22.86 -20.04 -27.62
C VAL C 197 -23.26 -20.52 -29.02
N THR C 198 -22.28 -20.56 -29.93
CA THR C 198 -22.46 -21.18 -31.24
C THR C 198 -21.90 -22.62 -31.23
N VAL C 199 -22.67 -23.54 -31.81
CA VAL C 199 -22.34 -24.96 -31.86
C VAL C 199 -22.74 -25.59 -33.19
N PRO C 200 -22.06 -26.68 -33.57
CA PRO C 200 -22.47 -27.47 -34.73
C PRO C 200 -23.98 -27.77 -34.78
N SER C 201 -24.55 -27.68 -35.98
CA SER C 201 -25.99 -27.76 -36.17
C SER C 201 -26.46 -29.21 -36.34
N SER C 202 -25.61 -30.05 -36.96
CA SER C 202 -25.85 -31.48 -37.06
C SER C 202 -25.72 -32.22 -35.72
N SER C 203 -25.42 -31.47 -34.66
CA SER C 203 -25.20 -32.06 -33.33
C SER C 203 -26.30 -31.69 -32.34
N LEU C 204 -27.24 -30.85 -32.76
CA LEU C 204 -28.31 -30.40 -31.87
C LEU C 204 -29.15 -31.55 -31.34
N GLY C 205 -29.50 -32.48 -32.22
CA GLY C 205 -30.30 -33.63 -31.83
C GLY C 205 -29.60 -34.62 -30.91
N THR C 206 -28.27 -34.63 -30.93
CA THR C 206 -27.51 -35.62 -30.18
C THR C 206 -26.73 -35.08 -28.97
N GLN C 207 -26.23 -33.86 -29.02
CA GLN C 207 -25.50 -33.34 -27.87
C GLN C 207 -26.49 -32.63 -26.94
N THR C 208 -26.19 -32.53 -25.64
CA THR C 208 -27.04 -31.73 -24.76
C THR C 208 -26.32 -30.51 -24.20
N TYR C 209 -27.04 -29.39 -24.12
CA TYR C 209 -26.46 -28.14 -23.65
C TYR C 209 -27.18 -27.63 -22.40
N ILE C 210 -26.48 -27.69 -21.26
CA ILE C 210 -27.01 -27.21 -19.99
C ILE C 210 -26.21 -26.00 -19.51
N CYS C 211 -26.86 -24.86 -19.35
CA CYS C 211 -26.19 -23.71 -18.77
C CYS C 211 -26.31 -23.72 -17.24
N ASN C 212 -25.20 -23.47 -16.58
CA ASN C 212 -25.13 -23.53 -15.13
C ASN C 212 -25.07 -22.13 -14.55
N VAL C 213 -26.14 -21.71 -13.87
CA VAL C 213 -26.22 -20.34 -13.38
C VAL C 213 -26.09 -20.32 -11.85
N ASN C 214 -25.08 -19.61 -11.35
CA ASN C 214 -24.80 -19.55 -9.91
C ASN C 214 -24.82 -18.13 -9.35
N HIS C 215 -25.84 -17.81 -8.56
CA HIS C 215 -25.93 -16.50 -7.92
C HIS C 215 -25.92 -16.62 -6.39
N LYS C 216 -24.75 -16.58 -5.78
CA LYS C 216 -24.69 -16.90 -4.35
C LYS C 216 -25.05 -15.75 -3.40
N PRO C 217 -25.10 -14.48 -3.86
CA PRO C 217 -25.69 -13.56 -2.87
C PRO C 217 -27.09 -13.98 -2.39
N SER C 218 -27.76 -14.83 -3.17
CA SER C 218 -29.08 -15.31 -2.84
C SER C 218 -29.13 -16.82 -2.68
N ASN C 219 -27.96 -17.45 -2.66
CA ASN C 219 -27.83 -18.91 -2.58
C ASN C 219 -28.70 -19.63 -3.63
N THR C 220 -28.82 -19.03 -4.80
CA THR C 220 -29.55 -19.61 -5.91
C THR C 220 -28.58 -20.30 -6.85
N LYS C 221 -28.90 -21.52 -7.27
CA LYS C 221 -28.14 -22.13 -8.36
C LYS C 221 -29.07 -22.94 -9.28
N VAL C 222 -29.02 -22.60 -10.57
CA VAL C 222 -29.96 -23.11 -11.55
C VAL C 222 -29.26 -23.80 -12.73
N ASP C 223 -29.80 -24.95 -13.11
CA ASP C 223 -29.34 -25.66 -14.30
C ASP C 223 -30.51 -25.82 -15.27
N LYS C 224 -30.51 -25.06 -16.36
CA LYS C 224 -31.55 -25.18 -17.39
C LYS C 224 -30.93 -25.72 -18.68
N ARG C 225 -31.71 -26.50 -19.42
CA ARG C 225 -31.32 -27.08 -20.68
C ARG C 225 -31.91 -26.33 -21.86
N VAL C 226 -31.23 -26.34 -22.98
CA VAL C 226 -31.71 -25.64 -24.16
C VAL C 226 -31.85 -26.60 -25.36
N GLU C 227 -32.99 -26.47 -26.05
CA GLU C 227 -33.42 -27.37 -27.15
C GLU C 227 -34.56 -26.85 -28.08
N PRO C 228 -34.38 -26.98 -29.39
CA PRO C 228 -35.31 -26.55 -30.47
C PRO C 228 -36.81 -26.70 -30.14
N LYS C 229 -37.65 -26.19 -31.03
CA LYS C 229 -39.10 -26.22 -30.84
C LYS C 229 -39.53 -25.66 -29.49
N ASP D 1 -10.72 24.58 -10.94
CA ASP D 1 -10.74 23.13 -11.19
C ASP D 1 -10.26 22.82 -12.60
N ILE D 2 -9.02 22.36 -12.71
CA ILE D 2 -8.46 22.05 -14.03
C ILE D 2 -9.18 20.84 -14.61
N VAL D 3 -9.64 20.93 -15.85
CA VAL D 3 -10.25 19.75 -16.46
C VAL D 3 -9.31 19.14 -17.49
N MET D 4 -9.31 17.81 -17.52
CA MET D 4 -8.40 17.07 -18.37
C MET D 4 -9.16 16.41 -19.51
N THR D 5 -8.73 16.72 -20.72
CA THR D 5 -9.46 16.30 -21.90
C THR D 5 -8.60 15.42 -22.80
N GLN D 6 -8.92 14.13 -22.82
CA GLN D 6 -8.15 13.19 -23.61
C GLN D 6 -8.77 12.95 -24.97
N SER D 7 -7.91 12.70 -25.95
CA SER D 7 -8.31 12.32 -27.30
C SER D 7 -7.38 11.24 -27.82
N PRO D 8 -7.90 10.33 -28.66
CA PRO D 8 -9.31 10.27 -29.04
C PRO D 8 -10.15 9.47 -28.04
N GLY D 9 -11.37 9.16 -28.42
CA GLY D 9 -12.23 8.33 -27.59
C GLY D 9 -11.60 6.97 -27.49
N THR D 10 -11.68 6.21 -28.57
CA THR D 10 -10.91 5.00 -28.67
C THR D 10 -9.82 5.17 -29.73
N LEU D 11 -8.65 4.64 -29.43
CA LEU D 11 -7.67 4.37 -30.45
C LEU D 11 -8.00 3.01 -31.00
N SER D 12 -7.30 2.67 -32.07
CA SER D 12 -7.26 1.30 -32.58
C SER D 12 -5.97 1.30 -33.37
N LEU D 13 -5.14 0.30 -33.14
CA LEU D 13 -3.94 0.08 -33.94
C LEU D 13 -3.58 -1.41 -33.98
N SER D 14 -2.92 -1.82 -35.06
CA SER D 14 -2.43 -3.19 -35.14
C SER D 14 -1.21 -3.34 -34.24
N PRO D 15 -1.02 -4.54 -33.66
CA PRO D 15 0.17 -4.78 -32.84
C PRO D 15 1.46 -4.45 -33.60
N GLY D 16 2.41 -3.85 -32.92
CA GLY D 16 3.68 -3.49 -33.53
C GLY D 16 3.73 -2.06 -34.03
N GLU D 17 2.56 -1.42 -34.10
CA GLU D 17 2.46 -0.01 -34.54
C GLU D 17 2.82 0.96 -33.42
N ARG D 18 3.06 2.21 -33.79
CA ARG D 18 3.32 3.24 -32.80
C ARG D 18 2.02 3.92 -32.38
N ALA D 19 1.82 4.07 -31.08
CA ALA D 19 0.64 4.75 -30.55
C ALA D 19 0.99 6.13 -30.03
N THR D 20 0.02 7.02 -30.02
CA THR D 20 0.23 8.34 -29.46
C THR D 20 -1.08 8.94 -28.95
N LEU D 21 -1.12 9.18 -27.65
CA LEU D 21 -2.34 9.64 -26.98
C LEU D 21 -2.18 11.08 -26.54
N SER D 22 -3.29 11.82 -26.51
CA SER D 22 -3.25 13.23 -26.16
C SER D 22 -4.02 13.57 -24.87
N CYS D 23 -3.48 14.55 -24.16
CA CYS D 23 -4.07 15.07 -22.93
C CYS D 23 -3.91 16.58 -22.97
N ARG D 24 -5.02 17.31 -22.98
CA ARG D 24 -4.95 18.77 -22.98
C ARG D 24 -5.62 19.27 -21.71
N ALA D 25 -5.19 20.44 -21.23
CA ALA D 25 -5.70 20.96 -19.97
C ALA D 25 -6.50 22.27 -20.11
N SER D 26 -7.43 22.46 -19.18
CA SER D 26 -8.26 23.65 -19.07
C SER D 26 -7.49 24.91 -18.62
N GLN D 27 -6.33 24.72 -18.01
CA GLN D 27 -5.44 25.83 -17.64
C GLN D 27 -4.00 25.36 -17.84
N SER D 28 -3.06 26.07 -17.28
CA SER D 28 -1.70 25.58 -17.28
C SER D 28 -1.60 24.72 -16.07
N VAL D 29 -0.86 23.62 -16.15
CA VAL D 29 -0.67 22.77 -15.00
C VAL D 29 0.06 23.54 -13.91
N SER D 30 1.35 23.33 -13.75
CA SER D 30 2.13 24.11 -12.80
C SER D 30 3.53 23.58 -12.60
N SER D 31 3.89 22.57 -13.37
CA SER D 31 5.26 22.12 -13.36
C SER D 31 5.33 20.91 -14.21
N SER D 32 4.45 20.80 -15.18
CA SER D 32 4.37 19.61 -15.96
C SER D 32 3.94 18.54 -15.01
N TYR D 33 3.42 18.96 -13.87
CA TYR D 33 2.92 17.97 -12.95
C TYR D 33 1.78 17.18 -13.59
N LEU D 34 2.13 16.35 -14.56
CA LEU D 34 1.14 15.47 -15.21
C LEU D 34 1.55 13.99 -15.25
N ALA D 35 0.68 13.11 -14.76
CA ALA D 35 0.97 11.68 -14.69
C ALA D 35 0.12 10.88 -15.68
N TRP D 36 0.54 9.65 -15.97
CA TRP D 36 -0.17 8.76 -16.90
C TRP D 36 -0.34 7.39 -16.28
N TYR D 37 -1.57 6.86 -16.31
CA TYR D 37 -1.81 5.55 -15.72
C TYR D 37 -2.32 4.59 -16.77
N GLN D 38 -1.87 3.33 -16.69
CA GLN D 38 -2.43 2.27 -17.51
C GLN D 38 -3.39 1.45 -16.66
N GLN D 39 -4.48 0.96 -17.25
CA GLN D 39 -5.42 0.13 -16.50
C GLN D 39 -6.00 -0.98 -17.38
N LYS D 40 -5.47 -2.18 -17.21
CA LYS D 40 -6.04 -3.36 -17.87
C LYS D 40 -7.38 -3.68 -17.21
N PRO D 41 -8.28 -4.36 -17.94
CA PRO D 41 -9.60 -4.63 -17.35
C PRO D 41 -9.54 -5.62 -16.20
N GLY D 42 -10.25 -5.30 -15.12
CA GLY D 42 -10.29 -6.14 -13.94
C GLY D 42 -9.14 -5.86 -13.00
N GLN D 43 -8.25 -4.96 -13.39
CA GLN D 43 -7.09 -4.61 -12.57
C GLN D 43 -7.16 -3.17 -12.06
N ALA D 44 -6.38 -2.91 -11.01
CA ALA D 44 -6.17 -1.53 -10.57
C ALA D 44 -5.33 -0.82 -11.63
N PRO D 45 -5.41 0.51 -11.66
CA PRO D 45 -4.53 1.19 -12.61
C PRO D 45 -3.07 1.15 -12.19
N ARG D 46 -2.15 1.09 -13.13
CA ARG D 46 -0.77 1.16 -12.75
C ARG D 46 -0.15 2.38 -13.35
N LEU D 47 0.68 3.03 -12.55
CA LEU D 47 1.37 4.28 -12.91
C LEU D 47 2.44 4.06 -14.00
N LEU D 48 2.48 4.96 -14.97
CA LEU D 48 3.43 4.85 -16.08
C LEU D 48 4.45 5.99 -16.11
N ILE D 49 3.95 7.23 -16.06
CA ILE D 49 4.78 8.44 -16.10
C ILE D 49 4.38 9.42 -15.00
N TYR D 50 5.33 10.20 -14.49
CA TYR D 50 5.05 11.31 -13.59
C TYR D 50 5.89 12.52 -14.01
N ARG D 51 5.45 13.73 -13.66
CA ARG D 51 6.11 14.96 -14.12
C ARG D 51 6.22 14.95 -15.66
N ALA D 52 5.20 14.35 -16.29
CA ALA D 52 5.00 14.36 -17.75
C ALA D 52 6.01 13.57 -18.58
N SER D 53 7.20 13.32 -18.05
CA SER D 53 8.23 12.67 -18.89
C SER D 53 9.08 11.60 -18.19
N SER D 54 8.92 11.44 -16.87
CA SER D 54 9.71 10.50 -16.08
C SER D 54 9.06 9.12 -15.95
N ARG D 55 9.73 8.09 -16.46
CA ARG D 55 9.22 6.73 -16.38
C ARG D 55 9.19 6.23 -14.93
N ALA D 56 8.10 5.54 -14.57
CA ALA D 56 8.01 4.93 -13.25
C ALA D 56 8.91 3.70 -13.20
N THR D 57 9.32 3.30 -11.99
CA THR D 57 10.22 2.15 -11.85
C THR D 57 9.56 0.89 -12.39
N GLY D 58 10.29 0.18 -13.25
CA GLY D 58 9.78 -1.07 -13.80
C GLY D 58 8.87 -0.92 -15.01
N ILE D 59 8.88 0.25 -15.61
CA ILE D 59 8.14 0.49 -16.85
C ILE D 59 9.07 0.39 -18.06
N PRO D 60 8.75 -0.49 -19.02
CA PRO D 60 9.53 -0.69 -20.25
C PRO D 60 9.88 0.59 -20.98
N ASP D 61 10.94 0.52 -21.79
CA ASP D 61 11.50 1.71 -22.41
C ASP D 61 10.62 2.26 -23.53
N ARG D 62 9.61 1.51 -23.94
CA ARG D 62 8.79 1.93 -25.09
C ARG D 62 7.74 2.99 -24.73
N PHE D 63 7.32 3.04 -23.46
CA PHE D 63 6.46 4.12 -22.98
C PHE D 63 7.29 5.38 -22.74
N SER D 64 6.88 6.48 -23.35
CA SER D 64 7.55 7.76 -23.15
C SER D 64 6.52 8.86 -23.01
N GLY D 65 6.79 9.83 -22.14
CA GLY D 65 5.89 10.96 -21.98
C GLY D 65 6.52 12.27 -22.44
N SER D 66 5.69 13.18 -22.94
CA SER D 66 6.17 14.48 -23.40
C SER D 66 5.13 15.56 -23.24
N GLY D 67 5.57 16.81 -23.33
CA GLY D 67 4.65 17.93 -23.23
C GLY D 67 4.92 18.86 -22.07
N SER D 68 4.29 20.02 -22.14
CA SER D 68 4.39 21.03 -21.09
C SER D 68 3.24 22.02 -21.22
N GLY D 69 2.93 22.72 -20.14
CA GLY D 69 1.89 23.73 -20.13
C GLY D 69 0.48 23.17 -20.15
N THR D 70 -0.04 22.95 -21.35
CA THR D 70 -1.45 22.68 -21.57
C THR D 70 -1.64 21.39 -22.37
N ASP D 71 -0.65 21.06 -23.18
CA ASP D 71 -0.72 19.96 -24.14
C ASP D 71 0.37 18.94 -23.86
N PHE D 72 -0.06 17.73 -23.50
CA PHE D 72 0.80 16.60 -23.17
C PHE D 72 0.46 15.39 -24.02
N THR D 73 1.45 14.55 -24.32
CA THR D 73 1.20 13.32 -25.06
C THR D 73 1.94 12.11 -24.47
N LEU D 74 1.36 10.92 -24.65
CA LEU D 74 2.01 9.65 -24.29
C LEU D 74 2.29 8.81 -25.53
N THR D 75 3.58 8.56 -25.79
CA THR D 75 3.99 7.81 -26.97
C THR D 75 4.41 6.37 -26.64
N ILE D 76 3.75 5.40 -27.30
CA ILE D 76 4.15 3.98 -27.20
C ILE D 76 4.85 3.54 -28.47
N SER D 77 6.18 3.43 -28.43
CA SER D 77 7.00 3.25 -29.64
C SER D 77 6.60 2.01 -30.46
N ARG D 78 6.61 0.84 -29.84
CA ARG D 78 6.08 -0.36 -30.46
C ARG D 78 4.90 -0.88 -29.62
N LEU D 79 3.88 -1.40 -30.28
CA LEU D 79 2.68 -1.84 -29.56
C LEU D 79 2.68 -3.35 -29.36
N GLU D 80 2.97 -3.79 -28.15
CA GLU D 80 2.93 -5.22 -27.83
C GLU D 80 1.53 -5.57 -27.29
N PRO D 81 1.06 -6.82 -27.50
CA PRO D 81 -0.32 -7.20 -27.15
C PRO D 81 -0.72 -6.94 -25.69
N GLU D 82 0.26 -6.61 -24.87
CA GLU D 82 0.04 -6.33 -23.45
C GLU D 82 -0.40 -4.87 -23.26
N ASP D 83 -0.29 -4.07 -24.31
CA ASP D 83 -0.48 -2.63 -24.18
C ASP D 83 -1.89 -2.16 -24.49
N PHE D 84 -2.73 -3.07 -24.99
CA PHE D 84 -4.12 -2.73 -25.25
C PHE D 84 -4.88 -2.68 -23.93
N ALA D 85 -5.34 -1.47 -23.60
CA ALA D 85 -5.92 -1.14 -22.31
C ALA D 85 -6.42 0.29 -22.31
N VAL D 86 -7.00 0.71 -21.19
CA VAL D 86 -7.41 2.09 -21.04
C VAL D 86 -6.28 2.92 -20.45
N TYR D 87 -6.04 4.10 -21.00
CA TYR D 87 -5.00 4.99 -20.50
C TYR D 87 -5.59 6.29 -19.97
N TYR D 88 -5.44 6.56 -18.67
CA TYR D 88 -5.86 7.83 -18.11
C TYR D 88 -4.65 8.73 -17.89
N CYS D 89 -4.88 10.04 -17.81
CA CYS D 89 -3.84 10.96 -17.38
C CYS D 89 -4.36 11.75 -16.18
N GLN D 90 -3.46 12.29 -15.38
CA GLN D 90 -3.87 12.96 -14.16
C GLN D 90 -2.95 14.14 -13.88
N GLN D 91 -3.53 15.29 -13.55
CA GLN D 91 -2.73 16.43 -13.15
C GLN D 91 -2.72 16.65 -11.64
N TYR D 92 -1.60 17.16 -11.17
CA TYR D 92 -1.43 17.53 -9.78
C TYR D 92 -0.76 18.90 -9.77
N GLY D 93 -1.15 19.73 -10.72
CA GLY D 93 -0.69 21.09 -10.76
C GLY D 93 -1.56 21.94 -9.89
N SER D 94 -2.79 21.47 -9.69
CA SER D 94 -3.72 22.11 -8.79
C SER D 94 -4.69 21.05 -8.40
N SER D 95 -4.73 20.71 -7.12
CA SER D 95 -5.54 19.60 -6.64
C SER D 95 -5.23 18.39 -7.50
N PHE D 96 -6.16 17.48 -7.61
CA PHE D 96 -5.93 16.31 -8.43
C PHE D 96 -7.07 16.11 -9.37
N THR D 97 -6.81 15.95 -10.65
CA THR D 97 -7.97 15.67 -11.50
C THR D 97 -7.63 14.69 -12.62
N PHE D 98 -8.60 13.86 -12.99
CA PHE D 98 -8.39 12.81 -14.00
C PHE D 98 -8.98 13.11 -15.37
N GLY D 99 -8.32 12.62 -16.41
CA GLY D 99 -8.88 12.63 -17.75
C GLY D 99 -10.02 11.62 -17.86
N GLN D 100 -10.61 11.50 -19.03
CA GLN D 100 -11.77 10.64 -19.22
C GLN D 100 -11.36 9.26 -19.76
N GLY D 101 -10.11 9.15 -20.20
CA GLY D 101 -9.55 7.87 -20.62
C GLY D 101 -9.62 7.55 -22.09
N THR D 102 -8.53 7.00 -22.63
CA THR D 102 -8.45 6.61 -24.03
C THR D 102 -8.25 5.10 -24.16
N LYS D 103 -9.22 4.38 -24.67
CA LYS D 103 -9.03 2.97 -24.85
C LYS D 103 -8.33 2.75 -26.14
N VAL D 104 -7.29 1.94 -26.13
CA VAL D 104 -6.62 1.58 -27.37
C VAL D 104 -6.98 0.13 -27.62
N GLU D 105 -7.59 -0.13 -28.77
CA GLU D 105 -8.03 -1.48 -29.07
C GLU D 105 -7.20 -2.03 -30.24
N ILE D 106 -7.36 -3.31 -30.53
CA ILE D 106 -6.66 -3.88 -31.69
C ILE D 106 -7.40 -3.60 -33.00
N LYS D 107 -6.72 -3.08 -34.00
CA LYS D 107 -7.32 -2.96 -35.30
C LYS D 107 -7.11 -4.23 -36.10
N ARG D 108 -8.12 -5.09 -36.20
CA ARG D 108 -8.08 -6.18 -37.14
C ARG D 108 -8.85 -5.78 -38.40
N THR D 109 -9.16 -6.76 -39.23
CA THR D 109 -9.87 -6.51 -40.47
C THR D 109 -11.38 -6.46 -40.23
N VAL D 110 -12.10 -5.81 -41.14
CA VAL D 110 -13.54 -5.68 -41.03
C VAL D 110 -14.23 -7.03 -40.94
N ALA D 111 -15.11 -7.20 -39.94
CA ALA D 111 -15.84 -8.45 -39.76
C ALA D 111 -17.35 -8.22 -39.65
N ALA D 112 -18.11 -8.79 -40.60
CA ALA D 112 -19.56 -8.73 -40.56
C ALA D 112 -20.11 -9.48 -39.36
N PRO D 113 -21.14 -8.94 -38.71
CA PRO D 113 -21.73 -9.69 -37.59
C PRO D 113 -22.60 -10.83 -38.09
N SER D 114 -22.76 -11.85 -37.27
CA SER D 114 -23.72 -12.90 -37.58
C SER D 114 -24.94 -12.72 -36.69
N VAL D 115 -26.12 -12.60 -37.29
CA VAL D 115 -27.30 -12.18 -36.54
C VAL D 115 -28.21 -13.35 -36.20
N PHE D 116 -28.65 -13.39 -34.94
CA PHE D 116 -29.57 -14.42 -34.49
C PHE D 116 -30.68 -13.73 -33.70
N ILE D 117 -31.90 -14.25 -33.79
CA ILE D 117 -33.00 -13.69 -33.02
C ILE D 117 -33.75 -14.77 -32.26
N PHE D 118 -34.11 -14.48 -31.02
CA PHE D 118 -34.67 -15.47 -30.10
C PHE D 118 -35.99 -15.03 -29.50
N PRO D 119 -37.10 -15.61 -29.98
CA PRO D 119 -38.41 -15.38 -29.35
C PRO D 119 -38.39 -15.70 -27.85
N PRO D 120 -39.30 -15.10 -27.08
CA PRO D 120 -39.30 -15.31 -25.63
C PRO D 120 -39.62 -16.74 -25.23
N SER D 121 -39.18 -17.12 -24.04
CA SER D 121 -39.41 -18.48 -23.56
C SER D 121 -40.82 -18.63 -23.03
N ASP D 122 -41.46 -19.73 -23.43
CA ASP D 122 -42.79 -20.09 -22.95
C ASP D 122 -42.95 -19.94 -21.44
N GLU D 123 -41.96 -20.36 -20.68
CA GLU D 123 -42.03 -20.24 -19.22
C GLU D 123 -42.14 -18.77 -18.79
N GLN D 124 -41.43 -17.88 -19.47
CA GLN D 124 -41.39 -16.47 -19.08
C GLN D 124 -42.75 -15.77 -19.19
N LEU D 125 -43.50 -16.03 -20.26
CA LEU D 125 -44.72 -15.23 -20.51
C LEU D 125 -45.85 -15.48 -19.52
N LYS D 126 -45.82 -16.59 -18.79
CA LYS D 126 -46.92 -16.81 -17.86
C LYS D 126 -46.62 -16.10 -16.55
N SER D 127 -45.48 -15.39 -16.52
CA SER D 127 -45.18 -14.47 -15.44
C SER D 127 -45.22 -13.02 -15.95
N GLY D 128 -46.24 -12.69 -16.73
CA GLY D 128 -46.54 -11.30 -17.04
C GLY D 128 -45.75 -10.58 -18.12
N THR D 129 -44.45 -10.86 -18.24
CA THR D 129 -43.63 -10.14 -19.23
C THR D 129 -42.95 -11.08 -20.23
N ALA D 130 -42.37 -10.50 -21.27
CA ALA D 130 -41.73 -11.28 -22.32
C ALA D 130 -40.50 -10.56 -22.88
N SER D 131 -39.38 -11.27 -22.99
CA SER D 131 -38.13 -10.69 -23.48
C SER D 131 -37.76 -11.22 -24.86
N VAL D 132 -37.46 -10.33 -25.79
CA VAL D 132 -36.97 -10.74 -27.11
C VAL D 132 -35.50 -10.38 -27.28
N VAL D 133 -34.69 -11.38 -27.61
CA VAL D 133 -33.23 -11.22 -27.65
C VAL D 133 -32.69 -11.26 -29.08
N CYS D 134 -31.62 -10.51 -29.31
CA CYS D 134 -30.97 -10.44 -30.60
C CYS D 134 -29.46 -10.55 -30.45
N LEU D 135 -28.84 -11.44 -31.22
CA LEU D 135 -27.40 -11.63 -31.11
C LEU D 135 -26.63 -11.08 -32.31
N LEU D 136 -25.61 -10.28 -32.02
CA LEU D 136 -24.66 -9.84 -33.04
C LEU D 136 -23.31 -10.44 -32.72
N ASN D 137 -22.95 -11.50 -33.45
CA ASN D 137 -21.87 -12.38 -33.05
C ASN D 137 -20.57 -12.12 -33.80
N ASN D 138 -19.51 -11.84 -33.05
CA ASN D 138 -18.15 -11.66 -33.56
C ASN D 138 -18.04 -10.72 -34.75
N PHE D 139 -18.04 -9.42 -34.47
CA PHE D 139 -17.86 -8.44 -35.54
C PHE D 139 -16.74 -7.44 -35.19
N TYR D 140 -16.25 -6.75 -36.22
CA TYR D 140 -15.30 -5.67 -36.04
C TYR D 140 -15.41 -4.71 -37.23
N PRO D 141 -15.41 -3.39 -36.98
CA PRO D 141 -15.17 -2.66 -35.73
C PRO D 141 -16.38 -2.68 -34.79
N ARG D 142 -16.28 -2.01 -33.64
CA ARG D 142 -17.29 -2.16 -32.61
C ARG D 142 -18.62 -1.51 -32.99
N GLU D 143 -18.53 -0.37 -33.67
CA GLU D 143 -19.71 0.44 -33.98
C GLU D 143 -20.72 -0.35 -34.82
N ALA D 144 -21.86 -0.60 -34.22
CA ALA D 144 -22.96 -1.29 -34.88
C ALA D 144 -24.26 -0.61 -34.49
N LYS D 145 -25.32 -0.81 -35.27
CA LYS D 145 -26.60 -0.23 -34.93
C LYS D 145 -27.71 -1.28 -35.10
N VAL D 146 -28.36 -1.64 -33.99
CA VAL D 146 -29.53 -2.53 -34.04
C VAL D 146 -30.80 -1.73 -33.89
N GLN D 147 -31.84 -2.15 -34.61
CA GLN D 147 -33.15 -1.54 -34.45
C GLN D 147 -34.29 -2.55 -34.51
N TRP D 148 -35.14 -2.50 -33.49
CA TRP D 148 -36.30 -3.35 -33.42
C TRP D 148 -37.50 -2.77 -34.18
N LYS D 149 -38.28 -3.64 -34.80
CA LYS D 149 -39.47 -3.24 -35.52
C LYS D 149 -40.57 -4.28 -35.33
N VAL D 150 -41.57 -3.95 -34.49
CA VAL D 150 -42.72 -4.82 -34.30
C VAL D 150 -43.85 -4.47 -35.29
N ASP D 151 -44.10 -5.38 -36.23
CA ASP D 151 -45.01 -5.12 -37.34
C ASP D 151 -44.57 -3.86 -38.07
N ASN D 152 -43.27 -3.81 -38.34
CA ASN D 152 -42.60 -2.66 -38.94
C ASN D 152 -42.88 -1.33 -38.24
N ALA D 153 -43.20 -1.39 -36.95
CA ALA D 153 -43.31 -0.19 -36.14
C ALA D 153 -42.02 0.04 -35.36
N LEU D 154 -41.25 1.04 -35.79
CA LEU D 154 -39.93 1.34 -35.20
C LEU D 154 -40.00 1.50 -33.68
N GLN D 155 -39.26 0.65 -32.98
CA GLN D 155 -39.32 0.58 -31.53
C GLN D 155 -38.28 1.47 -30.86
N SER D 156 -38.67 2.10 -29.74
CA SER D 156 -37.74 2.91 -28.97
C SER D 156 -38.07 2.96 -27.48
N GLY D 157 -37.02 3.03 -26.67
CA GLY D 157 -37.14 3.25 -25.24
C GLY D 157 -37.38 2.04 -24.38
N ASN D 158 -37.49 0.87 -25.00
CA ASN D 158 -37.80 -0.35 -24.24
C ASN D 158 -36.76 -1.46 -24.39
N SER D 159 -35.71 -1.20 -25.18
CA SER D 159 -34.66 -2.17 -25.40
C SER D 159 -33.31 -1.71 -24.83
N GLN D 160 -32.61 -2.61 -24.15
CA GLN D 160 -31.24 -2.33 -23.68
C GLN D 160 -30.25 -3.22 -24.41
N GLU D 161 -28.97 -2.89 -24.30
CA GLU D 161 -27.94 -3.76 -24.87
C GLU D 161 -26.63 -3.70 -24.09
N SER D 162 -25.80 -4.73 -24.28
CA SER D 162 -24.43 -4.71 -23.75
C SER D 162 -23.48 -5.29 -24.78
N VAL D 163 -22.20 -4.93 -24.67
CA VAL D 163 -21.18 -5.39 -25.60
C VAL D 163 -20.04 -6.07 -24.82
N THR D 164 -19.49 -7.15 -25.39
CA THR D 164 -18.35 -7.84 -24.78
C THR D 164 -17.07 -7.06 -25.01
N GLU D 165 -16.03 -7.40 -24.26
CA GLU D 165 -14.73 -6.81 -24.52
C GLU D 165 -14.15 -7.43 -25.78
N GLN D 166 -13.24 -6.70 -26.44
CA GLN D 166 -12.60 -7.20 -27.64
C GLN D 166 -12.03 -8.57 -27.35
N ASP D 167 -12.48 -9.58 -28.11
CA ASP D 167 -12.04 -10.96 -27.92
C ASP D 167 -10.52 -11.08 -28.02
N SER D 168 -9.95 -12.03 -27.28
CA SER D 168 -8.50 -12.12 -27.13
C SER D 168 -7.84 -12.88 -28.29
N LYS D 169 -8.64 -13.61 -29.07
CA LYS D 169 -8.10 -14.34 -30.22
C LYS D 169 -8.37 -13.62 -31.54
N ASP D 170 -9.65 -13.52 -31.93
CA ASP D 170 -9.99 -12.90 -33.20
C ASP D 170 -10.20 -11.39 -33.09
N SER D 171 -10.07 -10.84 -31.89
CA SER D 171 -10.19 -9.40 -31.67
C SER D 171 -11.52 -8.81 -32.15
N THR D 172 -12.61 -9.56 -31.95
CA THR D 172 -13.93 -9.09 -32.37
C THR D 172 -14.81 -8.74 -31.17
N TYR D 173 -15.95 -8.11 -31.48
CA TYR D 173 -16.97 -7.79 -30.47
C TYR D 173 -18.22 -8.64 -30.69
N SER D 174 -19.01 -8.81 -29.63
CA SER D 174 -20.33 -9.40 -29.77
C SER D 174 -21.34 -8.58 -28.96
N LEU D 175 -22.55 -8.47 -29.48
CA LEU D 175 -23.56 -7.57 -28.93
C LEU D 175 -24.87 -8.28 -28.65
N SER D 176 -25.43 -8.01 -27.48
CA SER D 176 -26.71 -8.59 -27.08
C SER D 176 -27.73 -7.50 -26.86
N SER D 177 -28.88 -7.61 -27.53
CA SER D 177 -29.95 -6.61 -27.42
C SER D 177 -31.28 -7.21 -26.97
N THR D 178 -31.81 -6.72 -25.86
CA THR D 178 -32.98 -7.31 -25.23
C THR D 178 -34.20 -6.36 -25.26
N LEU D 179 -35.21 -6.74 -26.03
CA LEU D 179 -36.46 -6.01 -26.11
C LEU D 179 -37.49 -6.47 -25.08
N THR D 180 -37.52 -5.81 -23.92
CA THR D 180 -38.54 -6.07 -22.92
C THR D 180 -39.90 -5.53 -23.34
N LEU D 181 -40.89 -6.42 -23.39
CA LEU D 181 -42.29 -6.06 -23.58
C LEU D 181 -43.15 -6.68 -22.49
N SER D 182 -44.40 -6.26 -22.40
CA SER D 182 -45.35 -6.88 -21.47
C SER D 182 -45.95 -8.07 -22.19
N LYS D 183 -46.47 -9.03 -21.45
CA LYS D 183 -47.23 -10.10 -22.11
C LYS D 183 -48.34 -9.43 -22.91
N ALA D 184 -49.14 -8.58 -22.26
CA ALA D 184 -50.23 -7.81 -22.91
C ALA D 184 -49.91 -7.30 -24.33
N ASP D 185 -48.88 -6.47 -24.47
CA ASP D 185 -48.52 -5.90 -25.78
C ASP D 185 -48.00 -6.95 -26.76
N TYR D 186 -47.44 -8.04 -26.23
CA TYR D 186 -46.80 -9.06 -27.07
C TYR D 186 -47.77 -9.81 -28.01
N GLU D 187 -48.93 -10.26 -27.52
CA GLU D 187 -49.85 -10.98 -28.42
C GLU D 187 -50.74 -10.07 -29.27
N LYS D 188 -50.40 -8.80 -29.37
CA LYS D 188 -51.09 -7.93 -30.28
C LYS D 188 -50.58 -8.13 -31.72
N HIS D 189 -49.27 -8.27 -31.85
CA HIS D 189 -48.64 -8.23 -33.16
C HIS D 189 -48.06 -9.56 -33.59
N LYS D 190 -47.58 -9.64 -34.83
CA LYS D 190 -47.09 -10.91 -35.31
C LYS D 190 -45.60 -10.85 -35.66
N VAL D 191 -45.23 -9.91 -36.53
CA VAL D 191 -43.86 -9.88 -37.05
C VAL D 191 -42.90 -9.12 -36.10
N TYR D 192 -41.98 -9.85 -35.47
CA TYR D 192 -40.94 -9.25 -34.65
C TYR D 192 -39.59 -9.31 -35.36
N ALA D 193 -38.99 -8.14 -35.62
CA ALA D 193 -37.76 -8.07 -36.40
C ALA D 193 -36.64 -7.31 -35.67
N CYS D 194 -35.41 -7.71 -35.97
CA CYS D 194 -34.22 -7.10 -35.44
C CYS D 194 -33.38 -6.69 -36.64
N GLU D 195 -33.17 -5.39 -36.84
CA GLU D 195 -32.47 -4.92 -38.03
C GLU D 195 -31.09 -4.36 -37.72
N VAL D 196 -30.08 -4.99 -38.30
CA VAL D 196 -28.70 -4.67 -38.01
C VAL D 196 -28.06 -3.95 -39.18
N THR D 197 -27.37 -2.86 -38.89
CA THR D 197 -26.55 -2.16 -39.87
C THR D 197 -25.14 -2.05 -39.30
N HIS D 198 -24.14 -2.35 -40.13
CA HIS D 198 -22.75 -2.39 -39.69
C HIS D 198 -21.80 -2.30 -40.87
N GLN D 199 -20.63 -1.68 -40.68
CA GLN D 199 -19.68 -1.38 -41.75
C GLN D 199 -19.39 -2.57 -42.66
N GLY D 200 -19.44 -3.79 -42.09
CA GLY D 200 -19.16 -5.01 -42.83
C GLY D 200 -20.36 -5.59 -43.56
N LEU D 201 -21.45 -4.83 -43.65
CA LEU D 201 -22.63 -5.24 -44.39
C LEU D 201 -22.97 -4.25 -45.49
N SER D 202 -23.16 -4.74 -46.71
CA SER D 202 -23.46 -3.89 -47.87
C SER D 202 -24.79 -3.16 -47.68
N SER D 203 -25.84 -3.94 -47.42
CA SER D 203 -27.14 -3.39 -47.03
C SER D 203 -27.58 -4.06 -45.72
N PRO D 204 -28.33 -3.31 -44.89
CA PRO D 204 -28.83 -3.79 -43.60
C PRO D 204 -29.43 -5.18 -43.62
N VAL D 205 -29.10 -5.98 -42.61
CA VAL D 205 -29.56 -7.36 -42.50
C VAL D 205 -30.66 -7.50 -41.44
N THR D 206 -31.77 -8.08 -41.84
CA THR D 206 -32.96 -8.18 -40.99
C THR D 206 -33.32 -9.62 -40.69
N LYS D 207 -33.27 -9.96 -39.41
CA LYS D 207 -33.64 -11.30 -38.95
C LYS D 207 -34.94 -11.18 -38.17
N SER D 208 -35.85 -12.14 -38.32
CA SER D 208 -37.18 -12.00 -37.75
C SER D 208 -37.92 -13.31 -37.57
N PHE D 209 -39.10 -13.22 -36.95
CA PHE D 209 -39.98 -14.38 -36.79
C PHE D 209 -41.45 -13.97 -36.66
N ASN D 210 -42.33 -14.83 -37.15
CA ASN D 210 -43.76 -14.70 -36.87
C ASN D 210 -44.09 -15.50 -35.62
N ARG D 211 -45.18 -15.17 -34.96
CA ARG D 211 -45.55 -15.85 -33.72
C ARG D 211 -46.31 -17.16 -33.94
N GLY D 212 -45.62 -18.30 -33.76
CA GLY D 212 -46.23 -19.59 -34.00
C GLY D 212 -46.16 -19.99 -35.47
C1 NAG E . -0.83 24.47 10.68
C2 NAG E . -1.93 25.37 10.12
C3 NAG E . -3.30 24.88 10.55
C4 NAG E . -3.50 23.42 10.18
C5 NAG E . -2.32 22.60 10.71
C6 NAG E . -2.34 21.16 10.25
C7 NAG E . -1.62 27.75 9.67
C8 NAG E . -1.40 29.10 10.25
N2 NAG E . -1.72 26.75 10.54
O3 NAG E . -4.27 25.67 9.88
O4 NAG E . -4.72 22.95 10.74
O5 NAG E . -1.07 23.14 10.26
O6 NAG E . -1.19 20.47 10.71
O7 NAG E . -1.71 27.56 8.46
C1 NAG E . -5.82 22.76 9.80
C2 NAG E . -6.86 21.84 10.45
C3 NAG E . -8.06 21.64 9.52
C4 NAG E . -8.67 22.99 9.19
C5 NAG E . -7.62 23.83 8.47
C6 NAG E . -8.12 25.21 8.10
C7 NAG E . -5.62 20.35 11.99
C8 NAG E . -5.12 18.96 12.21
N2 NAG E . -6.29 20.56 10.84
O3 NAG E . -9.01 20.77 10.11
O4 NAG E . -9.87 22.88 8.40
O5 NAG E . -6.47 24.00 9.32
O6 NAG E . -7.04 26.12 7.85
O7 NAG E . -5.43 21.24 12.80
C1 NAG F . 39.08 -41.55 17.83
C2 NAG F . 40.15 -42.57 17.53
C3 NAG F . 40.93 -42.18 16.27
C4 NAG F . 39.98 -41.93 15.09
C5 NAG F . 38.78 -41.05 15.48
C6 NAG F . 37.67 -41.14 14.47
C7 NAG F . 41.13 -43.78 19.44
C8 NAG F . 42.15 -43.72 20.55
N2 NAG F . 41.08 -42.71 18.65
O3 NAG F . 41.80 -43.26 15.93
O4 NAG F . 40.71 -41.27 14.06
O5 NAG F . 38.19 -41.46 16.73
O6 NAG F . 37.40 -39.88 13.89
O7 NAG F . 40.40 -44.76 19.28
C1 NAG F . 40.75 -41.96 12.77
C2 NAG F . 40.44 -40.97 11.63
C3 NAG F . 40.55 -41.70 10.28
C4 NAG F . 41.90 -42.36 10.13
C5 NAG F . 42.08 -43.34 11.29
C6 NAG F . 43.41 -44.05 11.28
C7 NAG F . 38.83 -39.09 11.46
C8 NAG F . 39.91 -38.30 10.80
N2 NAG F . 39.16 -40.36 11.80
O3 NAG F . 40.34 -40.81 9.18
O4 NAG F . 42.02 -43.03 8.88
O5 NAG F . 42.01 -42.63 12.55
O6 NAG F . 43.57 -44.87 12.43
O7 NAG F . 37.71 -38.63 11.66
C1 NAG G . 12.23 -30.53 14.19
C2 NAG G . 11.60 -31.90 14.41
C3 NAG G . 12.53 -32.98 13.86
C4 NAG G . 12.83 -32.72 12.39
C5 NAG G . 13.38 -31.31 12.21
C6 NAG G . 13.54 -30.92 10.74
C7 NAG G . 10.21 -31.65 16.42
C8 NAG G . 10.06 -32.00 17.87
N2 NAG G . 11.30 -32.14 15.81
O3 NAG G . 11.95 -34.27 14.03
O4 NAG G . 13.76 -33.66 11.89
O5 NAG G . 12.49 -30.33 12.78
O6 NAG G . 12.76 -29.80 10.38
O7 NAG G . 9.39 -30.95 15.82
C1 NAG H . 11.27 4.01 27.46
C2 NAG H . 10.82 5.34 28.11
C3 NAG H . 11.98 5.98 28.88
C4 NAG H . 12.54 4.99 29.90
C5 NAG H . 12.98 3.72 29.17
C6 NAG H . 13.52 2.67 30.10
C7 NAG H . 9.01 6.39 26.81
C8 NAG H . 8.05 5.57 27.63
N2 NAG H . 10.32 6.24 27.09
O3 NAG H . 11.52 7.16 29.53
O4 NAG H . 13.66 5.53 30.61
O5 NAG H . 11.85 3.14 28.50
O6 NAG H . 12.75 1.48 30.03
O7 NAG H . 8.62 7.17 25.94
#